data_9D7D
#
_entry.id   9D7D
#
_cell.length_a   36.930
_cell.length_b   66.584
_cell.length_c   193.460
_cell.angle_alpha   90.00
_cell.angle_beta   91.32
_cell.angle_gamma   90.00
#
_symmetry.space_group_name_H-M   'P 1 21 1'
#
loop_
_entity.id
_entity.type
_entity.pdbx_description
1 polymer Beta-lactamase
2 non-polymer '(5R)-3-{[(3S,5S)-5-(dimethylcarbamoyl)pyrrolidin-3-yl]sulfanyl}-5-[(2S,3R)-3-hydroxy-1-oxobutan-2-yl]-5-methyl-4,5-dihydro-1H-pyrrole-2-carboxylic acid'
3 non-polymer 'CARBON DIOXIDE'
4 non-polymer 'ACETATE ION'
5 water water
#
_entity_poly.entity_id   1
_entity_poly.type   'polypeptide(L)'
_entity_poly.pdbx_seq_one_letter_code
;MKLLKILSLVCLSISIGACAEHSMSRAKTSTIPQVNNSIIDQNVQALFNEISADAVFVTYDGQNIKKYGTHLDRAKTAYI
PASTFKIANALIGLENHKATSTEIFKWDGKPRFFKAWDKDFTLGEAMQASTVPVYQELARRIGPSLMQSELQRIGYGNMQ
IGTEVDQFWLKGPLTITPIQEVKFVYDLAQGQLPFKPEVQQQVKEMLYVERRGENRLYAKSGWGMAVDPQVGWYVGFVEK
ADGQVVAFALNMQMKAGDDIALRKQLSLDVLDKLGVFHYL
;
_entity_poly.pdbx_strand_id   A,B,C,D
#
loop_
_chem_comp.id
_chem_comp.type
_chem_comp.name
_chem_comp.formula
ACT non-polymer 'ACETATE ION' 'C2 H3 O2 -1'
CO2 non-polymer 'CARBON DIOXIDE' 'C O2'
Y33 non-polymer '(5R)-3-{[(3S,5S)-5-(dimethylcarbamoyl)pyrrolidin-3-yl]sulfanyl}-5-[(2S,3R)-3-hydroxy-1-oxobutan-2-yl]-5-methyl-4,5-dihydro-1H-pyrrole-2-carboxylic acid' 'C17 H27 N3 O6 S'
#
# COMPACT_ATOMS: atom_id res chain seq x y z
N SER A 38 -37.48 -2.38 22.40
CA SER A 38 -38.90 -2.70 22.46
C SER A 38 -39.28 -3.69 21.36
N ILE A 39 -40.53 -3.61 20.90
CA ILE A 39 -40.96 -4.44 19.79
C ILE A 39 -40.32 -3.96 18.49
N ILE A 40 -40.02 -2.67 18.37
CA ILE A 40 -39.38 -2.18 17.15
C ILE A 40 -37.96 -2.69 17.05
N ASP A 41 -37.22 -2.66 18.17
CA ASP A 41 -35.92 -3.32 18.22
C ASP A 41 -36.04 -4.77 17.76
N GLN A 42 -37.03 -5.48 18.30
CA GLN A 42 -37.24 -6.88 17.93
C GLN A 42 -37.54 -7.02 16.43
N ASN A 43 -38.41 -6.15 15.90
CA ASN A 43 -38.70 -6.19 14.47
C ASN A 43 -37.45 -5.90 13.65
N VAL A 44 -36.66 -4.91 14.10
CA VAL A 44 -35.41 -4.61 13.41
C VAL A 44 -34.47 -5.80 13.44
N GLN A 45 -34.25 -6.36 14.64
CA GLN A 45 -33.35 -7.51 14.76
C GLN A 45 -33.81 -8.66 13.87
N ALA A 46 -35.12 -8.95 13.88
CA ALA A 46 -35.63 -10.06 13.10
C ALA A 46 -35.31 -9.93 11.62
N LEU A 47 -35.18 -8.70 11.12
CA LEU A 47 -34.71 -8.50 9.74
C LEU A 47 -33.33 -9.10 9.55
N PHE A 48 -32.40 -8.80 10.46
CA PHE A 48 -31.03 -9.26 10.25
C PHE A 48 -30.91 -10.76 10.44
N ASN A 49 -31.80 -11.35 11.25
CA ASN A 49 -31.78 -12.79 11.51
C ASN A 49 -32.16 -13.63 10.28
N GLU A 50 -32.35 -13.06 9.09
CA GLU A 50 -32.32 -13.84 7.87
C GLU A 50 -31.10 -13.53 7.00
N ILE A 51 -30.34 -12.49 7.31
CA ILE A 51 -29.14 -12.15 6.57
C ILE A 51 -27.98 -12.98 7.11
N SER A 52 -27.39 -13.81 6.25
CA SER A 52 -26.31 -14.70 6.69
C SER A 52 -25.02 -13.92 6.93
N ALA A 53 -24.80 -12.84 6.18
CA ALA A 53 -23.59 -12.04 6.30
C ALA A 53 -23.52 -11.32 7.65
N ASP A 54 -22.31 -11.17 8.18
CA ASP A 54 -22.06 -10.32 9.34
C ASP A 54 -22.38 -8.86 8.99
N ALA A 55 -23.33 -8.28 9.72
CA ALA A 55 -23.77 -6.92 9.44
C ALA A 55 -23.98 -6.13 10.72
N VAL A 56 -23.76 -4.81 10.63
CA VAL A 56 -24.16 -3.88 11.67
C VAL A 56 -24.85 -2.69 11.02
N PHE A 57 -25.78 -2.08 11.76
CA PHE A 57 -26.49 -0.88 11.32
C PHE A 57 -26.49 0.12 12.47
N VAL A 58 -25.88 1.28 12.25
CA VAL A 58 -25.72 2.29 13.29
C VAL A 58 -26.63 3.47 12.95
N THR A 59 -27.33 4.00 13.97
CA THR A 59 -28.07 5.24 13.84
C THR A 59 -27.51 6.28 14.81
N TYR A 60 -27.72 7.54 14.46
CA TYR A 60 -27.21 8.66 15.23
C TYR A 60 -28.15 9.83 15.00
N ASP A 61 -28.67 10.40 16.09
CA ASP A 61 -29.59 11.53 16.04
C ASP A 61 -28.97 12.81 16.60
N GLY A 62 -27.63 12.88 16.65
CA GLY A 62 -26.97 13.99 17.30
C GLY A 62 -26.81 13.85 18.81
N GLN A 63 -27.38 12.85 19.41
CA GLN A 63 -27.22 12.59 20.83
C GLN A 63 -26.86 11.15 21.13
N ASN A 64 -27.48 10.20 20.45
CA ASN A 64 -27.39 8.79 20.81
C ASN A 64 -26.96 7.98 19.61
N ILE A 65 -25.94 7.16 19.80
CA ILE A 65 -25.60 6.09 18.86
C ILE A 65 -26.41 4.86 19.24
N LYS A 66 -27.10 4.29 18.26
CA LYS A 66 -27.77 3.00 18.45
C LYS A 66 -27.20 2.00 17.45
N LYS A 67 -27.16 0.74 17.85
CA LYS A 67 -26.53 -0.32 17.07
C LYS A 67 -27.49 -1.48 16.89
N TYR A 68 -27.63 -1.97 15.67
CA TYR A 68 -28.45 -3.13 15.36
C TYR A 68 -27.66 -4.06 14.44
N GLY A 69 -28.16 -5.28 14.29
CA GLY A 69 -27.58 -6.19 13.32
C GLY A 69 -27.07 -7.49 13.91
N THR A 70 -26.25 -8.21 13.14
CA THR A 70 -25.77 -9.53 13.52
C THR A 70 -24.40 -9.54 14.17
N HIS A 71 -23.56 -8.52 13.94
CA HIS A 71 -22.24 -8.44 14.60
C HIS A 71 -22.04 -6.99 15.03
N LEU A 72 -22.37 -6.69 16.28
CA LEU A 72 -22.35 -5.31 16.75
C LEU A 72 -20.93 -4.73 16.85
N ASP A 73 -19.91 -5.57 17.00
CA ASP A 73 -18.55 -5.06 17.10
C ASP A 73 -18.06 -4.48 15.78
N ARG A 74 -18.74 -4.78 14.66
CA ARG A 74 -18.42 -4.12 13.41
C ARG A 74 -18.53 -2.60 13.54
N ALA A 75 -19.43 -2.12 14.41
CA ALA A 75 -19.64 -0.68 14.55
C ALA A 75 -18.39 0.04 15.03
N LYS A 76 -17.54 -0.62 15.80
CA LYS A 76 -16.30 -0.06 16.32
C LYS A 76 -15.07 -0.46 15.50
N THR A 77 -15.26 -1.21 14.42
CA THR A 77 -14.15 -1.72 13.63
C THR A 77 -13.97 -0.84 12.40
N ALA A 78 -12.72 -0.64 12.00
CA ALA A 78 -12.40 0.26 10.89
C ALA A 78 -12.32 -0.54 9.60
N TYR A 79 -12.99 -0.06 8.57
CA TYR A 79 -12.94 -0.67 7.25
C TYR A 79 -12.59 0.41 6.25
N ILE A 80 -12.14 0.00 5.06
CA ILE A 80 -11.91 1.03 4.03
C ILE A 80 -13.25 1.71 3.71
N PRO A 81 -13.25 3.02 3.43
CA PRO A 81 -14.54 3.66 3.08
C PRO A 81 -15.08 3.24 1.72
N ALA A 82 -14.22 2.70 0.84
CA ALA A 82 -14.59 2.44 -0.53
C ALA A 82 -15.28 3.67 -1.12
N SER A 83 -16.41 3.48 -1.81
CA SER A 83 -17.03 4.58 -2.54
C SER A 83 -17.68 5.62 -1.64
N THR A 84 -17.92 5.33 -0.36
CA THR A 84 -18.41 6.39 0.52
C THR A 84 -17.38 7.49 0.72
N PHE A 85 -16.12 7.25 0.38
CA PHE A 85 -15.13 8.32 0.45
C PHE A 85 -15.45 9.46 -0.51
N LYS A 86 -16.24 9.20 -1.56
CA LYS A 86 -16.62 10.26 -2.50
C LYS A 86 -17.18 11.48 -1.79
N ILE A 87 -17.86 11.28 -0.65
CA ILE A 87 -18.41 12.38 0.12
C ILE A 87 -17.30 13.32 0.58
N ALA A 88 -16.27 12.76 1.21
CA ALA A 88 -15.18 13.62 1.66
C ALA A 88 -14.34 14.12 0.48
N ASN A 89 -14.20 13.31 -0.56
CA ASN A 89 -13.44 13.71 -1.75
C ASN A 89 -14.06 14.96 -2.38
N ALA A 90 -15.38 14.95 -2.60
CA ALA A 90 -16.04 16.09 -3.23
C ALA A 90 -15.93 17.32 -2.34
N LEU A 91 -16.16 17.17 -1.03
CA LEU A 91 -16.03 18.30 -0.12
C LEU A 91 -14.64 18.90 -0.18
N ILE A 92 -13.61 18.04 -0.13
CA ILE A 92 -12.24 18.55 -0.15
C ILE A 92 -11.96 19.23 -1.48
N GLY A 93 -12.42 18.64 -2.57
CA GLY A 93 -12.15 19.22 -3.88
C GLY A 93 -12.83 20.56 -4.08
N LEU A 94 -14.12 20.65 -3.72
CA LEU A 94 -14.83 21.93 -3.83
C LEU A 94 -14.27 22.96 -2.87
N GLU A 95 -13.99 22.56 -1.63
CA GLU A 95 -13.46 23.51 -0.65
C GLU A 95 -12.17 24.14 -1.12
N ASN A 96 -11.32 23.37 -1.80
CA ASN A 96 -10.00 23.83 -2.19
C ASN A 96 -9.91 24.20 -3.67
N HIS A 97 -11.03 24.59 -4.29
CA HIS A 97 -11.03 25.14 -5.63
C HIS A 97 -10.39 24.20 -6.64
N LYS A 98 -10.55 22.89 -6.44
CA LYS A 98 -10.02 21.92 -7.40
C LYS A 98 -11.07 21.45 -8.38
N ALA A 99 -12.34 21.70 -8.09
CA ALA A 99 -13.46 21.43 -8.97
C ALA A 99 -14.59 22.35 -8.55
N THR A 100 -15.59 22.48 -9.41
CA THR A 100 -16.87 23.07 -9.05
C THR A 100 -17.96 22.03 -9.26
N SER A 101 -19.11 22.27 -8.66
CA SER A 101 -20.22 21.33 -8.82
C SER A 101 -20.88 21.42 -10.19
N THR A 102 -20.48 22.39 -11.01
CA THR A 102 -21.00 22.58 -12.36
C THR A 102 -20.06 22.06 -13.45
N GLU A 103 -18.78 21.93 -13.13
CA GLU A 103 -17.77 21.51 -14.10
C GLU A 103 -18.02 20.11 -14.64
N ILE A 104 -17.73 19.91 -15.92
CA ILE A 104 -17.88 18.63 -16.58
C ILE A 104 -16.54 17.91 -16.58
N PHE A 105 -16.50 16.73 -15.94
CA PHE A 105 -15.38 15.81 -16.06
C PHE A 105 -15.58 14.97 -17.32
N LYS A 106 -14.79 15.25 -18.34
CA LYS A 106 -15.00 14.62 -19.63
C LYS A 106 -14.39 13.22 -19.61
N TRP A 107 -15.09 12.28 -20.26
CA TRP A 107 -14.53 10.96 -20.51
C TRP A 107 -13.34 11.09 -21.46
N ASP A 108 -12.33 10.26 -21.27
CA ASP A 108 -11.13 10.37 -22.07
C ASP A 108 -11.07 9.34 -23.19
N GLY A 109 -12.15 8.58 -23.40
CA GLY A 109 -12.21 7.63 -24.48
C GLY A 109 -11.77 6.23 -24.14
N LYS A 110 -11.23 6.02 -22.94
CA LYS A 110 -10.77 4.69 -22.53
C LYS A 110 -11.92 3.94 -21.87
N PRO A 111 -12.32 2.78 -22.38
CA PRO A 111 -13.48 2.07 -21.82
C PRO A 111 -13.28 1.77 -20.35
N ARG A 112 -14.28 2.14 -19.55
CA ARG A 112 -14.26 1.96 -18.11
C ARG A 112 -14.97 0.67 -17.72
N PHE A 113 -14.83 0.30 -16.45
CA PHE A 113 -15.38 -0.97 -15.97
C PHE A 113 -16.86 -1.10 -16.30
N PHE A 114 -17.68 -0.19 -15.76
CA PHE A 114 -19.08 -0.11 -16.15
C PHE A 114 -19.20 0.70 -17.45
N LYS A 115 -19.90 0.16 -18.44
CA LYS A 115 -20.02 0.94 -19.67
C LYS A 115 -20.88 2.17 -19.46
N ALA A 116 -21.70 2.21 -18.40
CA ALA A 116 -22.43 3.42 -18.04
C ALA A 116 -21.52 4.53 -17.58
N TRP A 117 -20.23 4.26 -17.44
CA TRP A 117 -19.25 5.27 -17.04
C TRP A 117 -18.57 5.94 -18.22
N ASP A 118 -18.81 5.48 -19.45
CA ASP A 118 -18.13 6.01 -20.62
C ASP A 118 -18.83 7.26 -21.15
N LYS A 119 -18.79 8.31 -20.33
CA LYS A 119 -19.48 9.55 -20.63
C LYS A 119 -18.93 10.65 -19.74
N ASP A 120 -19.36 11.88 -20.03
CA ASP A 120 -18.98 13.02 -19.23
C ASP A 120 -19.88 13.15 -18.00
N PHE A 121 -19.32 13.67 -16.91
CA PHE A 121 -20.03 13.76 -15.64
C PHE A 121 -19.70 15.05 -14.92
N THR A 122 -20.72 15.66 -14.32
CA THR A 122 -20.47 16.53 -13.18
C THR A 122 -20.22 15.66 -11.94
N LEU A 123 -19.68 16.29 -10.89
CA LEU A 123 -19.40 15.59 -9.65
C LEU A 123 -20.67 14.99 -9.05
N GLY A 124 -21.77 15.73 -9.07
CA GLY A 124 -23.02 15.19 -8.58
C GLY A 124 -23.50 14.01 -9.41
N GLU A 125 -23.40 14.13 -10.74
CA GLU A 125 -23.78 13.01 -11.60
C GLU A 125 -22.90 11.79 -11.35
N ALA A 126 -21.58 11.99 -11.20
CA ALA A 126 -20.70 10.86 -10.92
C ALA A 126 -20.93 10.31 -9.51
N MET A 127 -21.40 11.14 -8.59
CA MET A 127 -21.72 10.64 -7.25
C MET A 127 -22.86 9.64 -7.32
N GLN A 128 -23.94 9.99 -8.00
CA GLN A 128 -25.10 9.11 -8.02
C GLN A 128 -24.86 7.89 -8.91
N ALA A 129 -24.04 8.03 -9.97
CA ALA A 129 -23.58 6.86 -10.72
C ALA A 129 -22.36 6.18 -10.08
N SER A 130 -21.78 6.76 -9.04
CA SER A 130 -20.59 6.22 -8.36
C SER A 130 -19.44 5.93 -9.32
N THR A 131 -19.19 6.89 -10.20
CA THR A 131 -18.15 6.77 -11.23
C THR A 131 -16.78 6.97 -10.60
N VAL A 132 -16.12 5.85 -10.27
CA VAL A 132 -14.78 5.92 -9.64
C VAL A 132 -13.76 6.73 -10.45
N PRO A 133 -13.60 6.52 -11.77
CA PRO A 133 -12.57 7.31 -12.48
C PRO A 133 -12.70 8.80 -12.29
N VAL A 134 -13.93 9.34 -12.27
CA VAL A 134 -14.09 10.78 -12.10
C VAL A 134 -13.51 11.21 -10.75
N TYR A 135 -13.84 10.46 -9.70
CA TYR A 135 -13.39 10.82 -8.36
C TYR A 135 -11.91 10.51 -8.16
N GLN A 136 -11.35 9.55 -8.91
CA GLN A 136 -9.90 9.42 -8.98
C GLN A 136 -9.26 10.65 -9.64
N GLU A 137 -9.85 11.16 -10.72
CA GLU A 137 -9.33 12.36 -11.36
C GLU A 137 -9.35 13.54 -10.39
N LEU A 138 -10.44 13.69 -9.63
CA LEU A 138 -10.50 14.74 -8.62
C LEU A 138 -9.41 14.56 -7.56
N ALA A 139 -9.17 13.33 -7.13
CA ALA A 139 -8.16 13.13 -6.10
C ALA A 139 -6.78 13.51 -6.63
N ARG A 140 -6.50 13.20 -7.90
CA ARG A 140 -5.22 13.58 -8.48
C ARG A 140 -5.08 15.09 -8.56
N ARG A 141 -6.18 15.81 -8.81
CA ARG A 141 -6.14 17.26 -8.81
C ARG A 141 -5.82 17.80 -7.42
N ILE A 142 -6.34 17.13 -6.38
CA ILE A 142 -6.09 17.58 -5.00
C ILE A 142 -4.63 17.40 -4.65
N GLY A 143 -4.05 16.24 -4.97
CA GLY A 143 -2.67 15.95 -4.67
C GLY A 143 -2.47 15.32 -3.31
N PRO A 144 -1.42 14.48 -3.18
CA PRO A 144 -1.20 13.79 -1.89
C PRO A 144 -0.96 14.74 -0.73
N SER A 145 -0.24 15.83 -0.95
CA SER A 145 0.06 16.75 0.15
C SER A 145 -1.21 17.37 0.72
N LEU A 146 -2.06 17.90 -0.15
CA LEU A 146 -3.27 18.57 0.33
C LEU A 146 -4.28 17.56 0.84
N MET A 147 -4.42 16.42 0.15
CA MET A 147 -5.34 15.39 0.60
C MET A 147 -5.02 14.98 2.02
N GLN A 148 -3.72 14.81 2.32
CA GLN A 148 -3.30 14.37 3.65
C GLN A 148 -3.64 15.41 4.71
N SER A 149 -3.23 16.67 4.48
CA SER A 149 -3.48 17.70 5.49
C SER A 149 -4.98 17.95 5.69
N GLU A 150 -5.78 17.82 4.62
CA GLU A 150 -7.22 17.97 4.77
C GLU A 150 -7.80 16.82 5.57
N LEU A 151 -7.38 15.60 5.30
CA LEU A 151 -7.90 14.47 6.06
C LEU A 151 -7.50 14.59 7.52
N GLN A 152 -6.28 15.05 7.80
CA GLN A 152 -5.91 15.31 9.18
C GLN A 152 -6.72 16.46 9.75
N ARG A 153 -7.02 17.47 8.93
CA ARG A 153 -7.71 18.64 9.45
C ARG A 153 -9.12 18.29 9.89
N ILE A 154 -9.81 17.42 9.15
CA ILE A 154 -11.19 17.04 9.49
C ILE A 154 -11.25 15.76 10.30
N GLY A 155 -10.12 15.11 10.56
CA GLY A 155 -10.13 13.87 11.33
C GLY A 155 -10.98 12.76 10.76
N TYR A 156 -10.81 12.45 9.48
CA TYR A 156 -11.58 11.42 8.81
C TYR A 156 -10.89 10.07 8.97
N GLY A 157 -11.56 9.13 9.64
CA GLY A 157 -11.00 7.81 9.88
C GLY A 157 -9.60 7.89 10.47
N ASN A 158 -8.71 7.00 10.02
CA ASN A 158 -7.34 7.02 10.50
C ASN A 158 -6.46 7.99 9.73
N MET A 159 -7.03 8.70 8.75
CA MET A 159 -6.31 9.76 8.03
C MET A 159 -5.04 9.28 7.34
N GLN A 160 -5.01 8.02 6.90
CA GLN A 160 -3.85 7.47 6.19
C GLN A 160 -4.13 7.42 4.69
N ILE A 161 -3.18 7.88 3.89
CA ILE A 161 -3.33 7.81 2.44
C ILE A 161 -2.24 7.01 1.75
N GLY A 162 -1.19 6.62 2.46
CA GLY A 162 -0.12 5.91 1.78
C GLY A 162 0.49 6.77 0.69
N THR A 163 0.80 6.15 -0.44
CA THR A 163 1.57 6.80 -1.49
C THR A 163 0.83 6.86 -2.82
N GLU A 164 -0.42 6.44 -2.88
CA GLU A 164 -1.21 6.45 -4.11
C GLU A 164 -2.47 7.27 -3.86
N VAL A 165 -2.47 8.50 -4.36
CA VAL A 165 -3.51 9.46 -4.02
C VAL A 165 -4.85 9.10 -4.65
N ASP A 166 -4.88 8.17 -5.61
CA ASP A 166 -6.12 7.80 -6.27
C ASP A 166 -6.54 6.36 -5.97
N GLN A 167 -6.00 5.76 -4.90
CA GLN A 167 -6.32 4.39 -4.53
C GLN A 167 -6.53 4.19 -3.03
N PHE A 168 -6.23 5.16 -2.18
CA PHE A 168 -6.13 4.88 -0.74
C PHE A 168 -7.47 4.53 -0.12
N TRP A 169 -8.58 5.02 -0.69
CA TRP A 169 -9.89 4.65 -0.18
C TRP A 169 -10.41 3.35 -0.79
N LEU A 170 -9.75 2.84 -1.84
CA LEU A 170 -10.14 1.59 -2.48
C LEU A 170 -9.37 0.37 -1.98
N LYS A 171 -8.10 0.53 -1.61
CA LYS A 171 -7.24 -0.59 -1.20
C LYS A 171 -6.64 -0.40 0.18
N GLY A 172 -7.08 0.59 0.95
CA GLY A 172 -6.32 1.00 2.12
C GLY A 172 -5.23 1.97 1.67
N PRO A 173 -4.52 2.58 2.61
CA PRO A 173 -4.54 2.37 4.06
C PRO A 173 -5.61 3.18 4.80
N LEU A 174 -6.40 4.03 4.14
CA LEU A 174 -7.45 4.75 4.86
C LEU A 174 -8.54 3.80 5.33
N THR A 175 -8.89 3.87 6.62
CA THR A 175 -10.02 3.12 7.17
C THR A 175 -10.83 4.02 8.09
N ILE A 176 -12.09 3.62 8.31
CA ILE A 176 -13.04 4.41 9.06
C ILE A 176 -14.08 3.47 9.70
N THR A 177 -14.50 3.78 10.93
CA THR A 177 -15.49 2.89 11.52
C THR A 177 -16.88 3.33 11.10
N PRO A 178 -17.88 2.44 11.22
CA PRO A 178 -19.26 2.87 10.93
C PRO A 178 -19.72 4.01 11.83
N ILE A 179 -19.27 4.05 13.09
CA ILE A 179 -19.66 5.15 13.95
C ILE A 179 -19.03 6.44 13.46
N GLN A 180 -17.78 6.38 12.99
CA GLN A 180 -17.17 7.59 12.42
C GLN A 180 -17.93 8.06 11.19
N GLU A 181 -18.29 7.13 10.30
CA GLU A 181 -19.04 7.48 9.09
C GLU A 181 -20.36 8.17 9.45
N VAL A 182 -21.11 7.57 10.38
CA VAL A 182 -22.43 8.10 10.69
C VAL A 182 -22.32 9.46 11.36
N LYS A 183 -21.30 9.68 12.19
CA LYS A 183 -21.12 11.01 12.75
C LYS A 183 -20.64 11.99 11.69
N PHE A 184 -19.86 11.53 10.71
CA PHE A 184 -19.44 12.37 9.59
C PHE A 184 -20.64 12.90 8.79
N VAL A 185 -21.53 12.00 8.33
CA VAL A 185 -22.64 12.46 7.50
C VAL A 185 -23.69 13.17 8.32
N TYR A 186 -23.80 12.90 9.62
CA TYR A 186 -24.68 13.70 10.46
C TYR A 186 -24.27 15.16 10.43
N ASP A 187 -22.97 15.41 10.60
CA ASP A 187 -22.47 16.78 10.54
C ASP A 187 -22.65 17.39 9.16
N LEU A 188 -22.44 16.59 8.10
CA LEU A 188 -22.77 17.06 6.75
C LEU A 188 -24.21 17.58 6.71
N ALA A 189 -25.16 16.75 7.16
CA ALA A 189 -26.57 17.13 7.10
C ALA A 189 -26.83 18.44 7.81
N GLN A 190 -26.16 18.67 8.93
CA GLN A 190 -26.32 19.89 9.70
C GLN A 190 -25.44 21.03 9.21
N GLY A 191 -24.64 20.82 8.17
CA GLY A 191 -23.73 21.86 7.74
C GLY A 191 -22.67 22.22 8.76
N GLN A 192 -22.39 21.32 9.70
CA GLN A 192 -21.47 21.60 10.80
C GLN A 192 -20.08 21.02 10.56
N LEU A 193 -19.82 20.45 9.38
CA LEU A 193 -18.47 20.03 9.05
C LEU A 193 -17.59 21.25 8.88
N PRO A 194 -16.27 21.10 9.04
CA PRO A 194 -15.37 22.25 8.84
C PRO A 194 -15.11 22.50 7.36
N PHE A 195 -16.18 22.86 6.63
CA PHE A 195 -16.12 23.31 5.25
C PHE A 195 -17.07 24.48 5.08
N LYS A 196 -16.86 25.23 4.02
CA LYS A 196 -17.77 26.32 3.65
C LYS A 196 -19.21 25.83 3.61
N PRO A 197 -20.16 26.67 4.03
CA PRO A 197 -21.57 26.24 4.01
C PRO A 197 -22.04 25.85 2.62
N GLU A 198 -21.66 26.60 1.59
CA GLU A 198 -22.15 26.27 0.27
C GLU A 198 -21.55 24.97 -0.25
N VAL A 199 -20.31 24.68 0.13
CA VAL A 199 -19.71 23.41 -0.25
C VAL A 199 -20.47 22.25 0.39
N GLN A 200 -20.78 22.37 1.68
CA GLN A 200 -21.52 21.31 2.35
C GLN A 200 -22.89 21.11 1.72
N GLN A 201 -23.57 22.20 1.39
CA GLN A 201 -24.90 22.10 0.77
C GLN A 201 -24.83 21.40 -0.57
N GLN A 202 -23.84 21.74 -1.40
CA GLN A 202 -23.73 21.12 -2.73
C GLN A 202 -23.45 19.64 -2.63
N VAL A 203 -22.54 19.23 -1.75
CA VAL A 203 -22.27 17.80 -1.62
C VAL A 203 -23.48 17.08 -1.02
N LYS A 204 -24.11 17.68 -0.01
CA LYS A 204 -25.32 17.11 0.59
C LYS A 204 -26.34 16.75 -0.49
N GLU A 205 -26.67 17.70 -1.36
CA GLU A 205 -27.73 17.41 -2.33
C GLU A 205 -27.28 16.44 -3.42
N MET A 206 -25.97 16.30 -3.65
CA MET A 206 -25.47 15.21 -4.50
C MET A 206 -25.87 13.84 -3.97
N LEU A 207 -26.16 13.72 -2.67
CA LEU A 207 -26.52 12.46 -2.02
C LEU A 207 -28.02 12.20 -2.00
N TYR A 208 -28.83 13.20 -2.38
CA TYR A 208 -30.29 13.07 -2.32
C TYR A 208 -30.77 11.86 -3.12
N VAL A 209 -31.60 11.03 -2.49
CA VAL A 209 -32.14 9.82 -3.10
C VAL A 209 -33.63 9.98 -3.42
N GLU A 210 -34.44 10.29 -2.41
CA GLU A 210 -35.89 10.35 -2.57
C GLU A 210 -36.48 11.02 -1.34
N ARG A 211 -37.72 11.48 -1.49
CA ARG A 211 -38.48 12.04 -0.38
C ARG A 211 -39.81 11.32 -0.24
N ARG A 212 -40.28 11.24 1.01
CA ARG A 212 -41.60 10.74 1.32
C ARG A 212 -42.23 11.78 2.23
N GLY A 213 -43.37 12.32 1.81
CA GLY A 213 -43.87 13.52 2.44
C GLY A 213 -42.77 14.58 2.50
N GLU A 214 -42.46 15.03 3.71
CA GLU A 214 -41.41 16.02 3.89
C GLU A 214 -40.09 15.41 4.34
N ASN A 215 -40.07 14.10 4.61
CA ASN A 215 -38.85 13.40 4.99
C ASN A 215 -37.99 13.15 3.77
N ARG A 216 -36.72 13.49 3.85
CA ARG A 216 -35.80 13.32 2.73
C ARG A 216 -34.76 12.25 3.09
N LEU A 217 -34.53 11.32 2.17
CA LEU A 217 -33.46 10.34 2.29
C LEU A 217 -32.25 10.79 1.47
N TYR A 218 -31.08 10.82 2.11
CA TYR A 218 -29.81 10.99 1.42
C TYR A 218 -28.95 9.76 1.70
N ALA A 219 -28.20 9.29 0.71
CA ALA A 219 -27.44 8.04 0.90
C ALA A 219 -26.34 7.87 -0.14
N LYS A 220 -25.33 7.10 0.25
CA LYS A 220 -24.26 6.68 -0.63
C LYS A 220 -23.89 5.24 -0.28
N SER A 221 -23.83 4.39 -1.28
CA SER A 221 -23.48 2.99 -1.09
C SER A 221 -22.01 2.78 -1.40
N GLY A 222 -21.48 1.66 -0.93
CA GLY A 222 -20.10 1.30 -1.22
C GLY A 222 -19.96 -0.21 -1.22
N TRP A 223 -19.08 -0.69 -2.10
CA TRP A 223 -18.66 -2.09 -2.08
C TRP A 223 -17.16 -2.11 -2.34
N GLY A 224 -16.37 -2.23 -1.28
CA GLY A 224 -14.94 -2.37 -1.40
C GLY A 224 -14.55 -3.79 -1.76
N MET A 225 -14.10 -4.00 -2.99
CA MET A 225 -13.78 -5.35 -3.45
C MET A 225 -12.30 -5.70 -3.39
N ALA A 226 -11.42 -4.71 -3.25
CA ALA A 226 -10.00 -4.98 -3.31
C ALA A 226 -9.45 -5.56 -2.01
N VAL A 227 -10.18 -5.44 -0.90
CA VAL A 227 -9.67 -5.83 0.40
C VAL A 227 -10.37 -7.10 0.84
N ASP A 228 -9.77 -7.78 1.82
CA ASP A 228 -10.25 -9.05 2.32
C ASP A 228 -10.50 -8.95 3.82
N PRO A 229 -11.70 -9.25 4.31
CA PRO A 229 -12.93 -9.52 3.56
C PRO A 229 -13.36 -8.31 2.76
N GLN A 230 -14.35 -8.45 1.88
CA GLN A 230 -14.95 -7.33 1.20
C GLN A 230 -15.96 -6.66 2.12
N VAL A 231 -16.05 -5.34 2.04
CA VAL A 231 -16.93 -4.58 2.92
C VAL A 231 -18.01 -3.88 2.09
N GLY A 232 -19.24 -3.94 2.57
CA GLY A 232 -20.35 -3.25 1.95
C GLY A 232 -20.93 -2.15 2.82
N TRP A 233 -21.17 -0.99 2.22
CA TRP A 233 -21.61 0.20 2.92
C TRP A 233 -22.97 0.67 2.40
N TYR A 234 -23.76 1.28 3.29
CA TYR A 234 -24.87 2.13 2.88
C TYR A 234 -24.96 3.18 3.98
N VAL A 235 -24.45 4.39 3.71
CA VAL A 235 -24.43 5.41 4.72
C VAL A 235 -25.26 6.58 4.24
N GLY A 236 -25.82 7.32 5.18
CA GLY A 236 -26.66 8.46 4.81
C GLY A 236 -27.41 9.03 5.99
N PHE A 237 -28.56 9.62 5.70
CA PHE A 237 -29.34 10.25 6.76
C PHE A 237 -30.72 10.57 6.21
N VAL A 238 -31.69 10.54 7.12
CA VAL A 238 -33.05 10.99 6.86
C VAL A 238 -33.22 12.33 7.57
N GLU A 239 -33.66 13.30 6.81
CA GLU A 239 -33.91 14.63 7.31
C GLU A 239 -35.41 14.86 7.25
N LYS A 240 -35.92 15.30 8.34
CA LYS A 240 -37.35 15.60 8.38
C LYS A 240 -37.56 17.12 8.33
N ALA A 241 -38.74 17.59 7.97
CA ALA A 241 -39.02 19.04 7.96
C ALA A 241 -38.74 19.81 9.23
N ASP A 242 -38.82 19.20 10.40
CA ASP A 242 -38.61 19.85 11.70
C ASP A 242 -37.13 19.91 12.05
N GLY A 243 -36.22 20.09 11.07
CA GLY A 243 -34.76 20.16 11.29
C GLY A 243 -34.13 18.89 11.84
N GLN A 244 -34.91 17.86 12.02
CA GLN A 244 -34.33 16.71 12.71
C GLN A 244 -33.68 15.72 11.75
N VAL A 245 -32.54 15.25 12.19
CA VAL A 245 -31.76 14.32 11.35
C VAL A 245 -31.48 13.00 12.05
N VAL A 246 -31.70 11.97 11.33
CA VAL A 246 -31.23 10.66 11.80
C VAL A 246 -30.27 10.13 10.76
N ALA A 247 -29.00 10.07 11.10
CA ALA A 247 -27.98 9.51 10.25
C ALA A 247 -27.84 8.01 10.47
N PHE A 248 -27.33 7.31 9.47
CA PHE A 248 -27.31 5.87 9.54
C PHE A 248 -26.13 5.33 8.74
N ALA A 249 -25.69 4.14 9.14
CA ALA A 249 -24.58 3.49 8.44
C ALA A 249 -24.80 1.98 8.51
N LEU A 250 -25.18 1.38 7.37
CA LEU A 250 -25.08 -0.07 7.22
C LEU A 250 -23.66 -0.43 6.86
N ASN A 251 -23.14 -1.46 7.51
CA ASN A 251 -21.80 -1.97 7.24
C ASN A 251 -21.85 -3.49 7.39
N MET A 252 -21.47 -4.21 6.34
CA MET A 252 -21.59 -5.67 6.36
C MET A 252 -20.50 -6.32 5.51
N GLN A 253 -20.26 -7.59 5.77
CA GLN A 253 -19.33 -8.37 4.94
C GLN A 253 -19.99 -8.69 3.61
N MET A 254 -19.25 -8.49 2.52
CA MET A 254 -19.67 -8.86 1.18
C MET A 254 -18.79 -10.00 0.67
N LYS A 255 -19.36 -10.80 -0.22
CA LYS A 255 -18.63 -11.84 -0.92
C LYS A 255 -19.01 -11.76 -2.40
N ALA A 256 -18.13 -12.26 -3.25
CA ALA A 256 -18.40 -12.23 -4.68
C ALA A 256 -19.71 -12.94 -4.97
N GLY A 257 -20.54 -12.33 -5.82
CA GLY A 257 -21.83 -12.89 -6.17
C GLY A 257 -23.01 -12.36 -5.38
N ASP A 258 -22.76 -11.51 -4.37
CA ASP A 258 -23.82 -11.02 -3.51
C ASP A 258 -24.76 -10.09 -4.28
N ASP A 259 -25.99 -9.99 -3.79
CA ASP A 259 -27.01 -9.14 -4.38
C ASP A 259 -26.62 -7.67 -4.22
N ILE A 260 -26.48 -6.96 -5.35
CA ILE A 260 -26.03 -5.57 -5.29
C ILE A 260 -27.09 -4.66 -4.68
N ALA A 261 -28.35 -5.06 -4.71
CA ALA A 261 -29.46 -4.25 -4.22
C ALA A 261 -29.76 -4.48 -2.75
N LEU A 262 -29.12 -5.47 -2.11
CA LEU A 262 -29.50 -5.83 -0.75
C LEU A 262 -29.16 -4.73 0.25
N ARG A 263 -28.01 -4.07 0.06
CA ARG A 263 -27.61 -3.05 1.01
C ARG A 263 -28.69 -1.99 1.16
N LYS A 264 -29.15 -1.44 0.04
CA LYS A 264 -30.18 -0.41 0.11
C LYS A 264 -31.50 -0.99 0.58
N GLN A 265 -31.85 -2.19 0.13
CA GLN A 265 -33.11 -2.81 0.53
C GLN A 265 -33.15 -3.03 2.04
N LEU A 266 -32.11 -3.67 2.58
CA LEU A 266 -32.04 -3.89 4.02
C LEU A 266 -32.14 -2.58 4.79
N SER A 267 -31.44 -1.54 4.34
CA SER A 267 -31.42 -0.28 5.06
C SER A 267 -32.79 0.37 5.07
N LEU A 268 -33.47 0.40 3.92
CA LEU A 268 -34.80 0.97 3.89
C LEU A 268 -35.76 0.18 4.76
N ASP A 269 -35.59 -1.15 4.80
CA ASP A 269 -36.43 -1.97 5.67
C ASP A 269 -36.21 -1.61 7.13
N VAL A 270 -34.94 -1.49 7.53
CA VAL A 270 -34.62 -1.11 8.90
C VAL A 270 -35.23 0.24 9.24
N LEU A 271 -35.03 1.23 8.36
CA LEU A 271 -35.55 2.57 8.63
C LEU A 271 -37.06 2.57 8.73
N ASP A 272 -37.72 1.68 7.98
CA ASP A 272 -39.18 1.57 8.08
C ASP A 272 -39.58 0.97 9.43
N LYS A 273 -38.91 -0.11 9.87
CA LYS A 273 -39.25 -0.70 11.15
C LYS A 273 -38.96 0.27 12.30
N LEU A 274 -37.90 1.07 12.17
CA LEU A 274 -37.61 2.12 13.15
C LEU A 274 -38.65 3.24 13.14
N GLY A 275 -39.46 3.35 12.09
CA GLY A 275 -40.29 4.54 11.97
C GLY A 275 -39.53 5.82 11.68
N VAL A 276 -38.27 5.72 11.24
CA VAL A 276 -37.53 6.90 10.82
C VAL A 276 -37.92 7.30 9.40
N PHE A 277 -38.11 6.31 8.51
CA PHE A 277 -38.42 6.58 7.10
C PHE A 277 -39.44 5.53 6.66
N HIS A 278 -40.70 5.76 7.04
CA HIS A 278 -41.77 4.83 6.73
C HIS A 278 -41.94 4.64 5.22
N TYR A 279 -42.32 3.43 4.83
CA TYR A 279 -42.73 3.18 3.46
C TYR A 279 -44.00 3.95 3.13
N LEU A 280 -44.18 4.23 1.84
CA LEU A 280 -45.41 4.84 1.36
C LEU A 280 -46.45 3.76 1.10
N SER B 38 24.57 -0.25 -49.82
CA SER B 38 23.71 0.80 -50.36
C SER B 38 23.01 0.30 -51.63
N ILE B 39 23.76 -0.35 -52.54
CA ILE B 39 23.09 -1.12 -53.59
C ILE B 39 22.25 -2.23 -52.98
N ILE B 40 22.56 -2.67 -51.77
CA ILE B 40 21.69 -3.62 -51.07
C ILE B 40 20.32 -3.00 -50.82
N ASP B 41 20.30 -1.77 -50.29
CA ASP B 41 19.04 -1.06 -50.07
C ASP B 41 18.25 -0.90 -51.36
N GLN B 42 18.93 -0.52 -52.44
CA GLN B 42 18.25 -0.44 -53.73
C GLN B 42 17.66 -1.78 -54.14
N ASN B 43 18.43 -2.86 -53.99
CA ASN B 43 17.93 -4.18 -54.34
C ASN B 43 16.67 -4.52 -53.55
N VAL B 44 16.69 -4.22 -52.24
CA VAL B 44 15.53 -4.50 -51.40
C VAL B 44 14.33 -3.65 -51.83
N GLN B 45 14.56 -2.36 -52.11
CA GLN B 45 13.46 -1.50 -52.56
C GLN B 45 12.81 -2.01 -53.83
N ALA B 46 13.61 -2.55 -54.75
CA ALA B 46 13.05 -3.04 -56.01
C ALA B 46 12.13 -4.24 -55.81
N LEU B 47 12.29 -4.99 -54.71
CA LEU B 47 11.34 -6.05 -54.40
C LEU B 47 9.94 -5.49 -54.20
N PHE B 48 9.83 -4.27 -53.74
CA PHE B 48 8.51 -3.72 -53.45
C PHE B 48 7.85 -3.13 -54.70
N ASN B 49 8.52 -3.17 -55.86
CA ASN B 49 7.95 -2.57 -57.06
C ASN B 49 6.66 -3.26 -57.48
N GLU B 50 6.55 -4.56 -57.26
CA GLU B 50 5.31 -5.26 -57.59
C GLU B 50 4.31 -5.29 -56.44
N ILE B 51 4.67 -4.74 -55.28
CA ILE B 51 3.78 -4.68 -54.12
C ILE B 51 2.96 -3.40 -54.22
N SER B 52 1.65 -3.52 -54.48
CA SER B 52 0.85 -2.31 -54.60
C SER B 52 0.34 -1.84 -53.25
N ALA B 53 0.21 -2.74 -52.28
CA ALA B 53 -0.19 -2.36 -50.93
C ALA B 53 0.83 -1.42 -50.29
N ASP B 54 0.33 -0.50 -49.45
CA ASP B 54 1.20 0.22 -48.51
C ASP B 54 1.87 -0.78 -47.55
N ALA B 55 3.20 -0.66 -47.41
CA ALA B 55 3.91 -1.69 -46.67
C ALA B 55 5.22 -1.13 -46.13
N VAL B 56 5.63 -1.61 -44.96
CA VAL B 56 6.95 -1.26 -44.43
C VAL B 56 7.60 -2.51 -43.87
N PHE B 57 8.92 -2.61 -44.05
CA PHE B 57 9.73 -3.68 -43.50
C PHE B 57 10.79 -3.03 -42.63
N VAL B 58 10.74 -3.30 -41.33
CA VAL B 58 11.69 -2.74 -40.37
C VAL B 58 12.65 -3.85 -39.96
N THR B 59 13.93 -3.51 -39.80
CA THR B 59 14.94 -4.39 -39.21
C THR B 59 15.55 -3.69 -38.01
N TYR B 60 16.03 -4.51 -37.06
CA TYR B 60 16.69 -4.00 -35.87
C TYR B 60 17.76 -5.00 -35.47
N ASP B 61 18.98 -4.52 -35.25
CA ASP B 61 20.13 -5.34 -34.93
C ASP B 61 20.66 -5.10 -33.51
N GLY B 62 19.85 -4.48 -32.65
CA GLY B 62 20.27 -4.12 -31.32
C GLY B 62 20.73 -2.69 -31.18
N GLN B 63 21.09 -2.06 -32.28
CA GLN B 63 21.65 -0.73 -32.31
C GLN B 63 20.93 0.20 -33.28
N ASN B 64 20.53 -0.29 -34.44
CA ASN B 64 19.99 0.60 -35.48
C ASN B 64 18.69 0.06 -36.08
N ILE B 65 17.71 0.94 -36.19
CA ILE B 65 16.52 0.66 -36.98
C ILE B 65 16.81 1.04 -38.42
N LYS B 66 16.33 0.23 -39.34
CA LYS B 66 16.37 0.47 -40.79
C LYS B 66 14.96 0.21 -41.35
N LYS B 67 14.55 0.98 -42.33
CA LYS B 67 13.17 0.90 -42.85
C LYS B 67 13.20 0.74 -44.36
N TYR B 68 12.41 -0.20 -44.86
CA TYR B 68 12.24 -0.41 -46.29
C TYR B 68 10.75 -0.52 -46.57
N GLY B 69 10.38 -0.33 -47.86
CA GLY B 69 9.05 -0.65 -48.30
C GLY B 69 8.46 0.50 -49.11
N THR B 70 7.13 0.51 -49.24
CA THR B 70 6.41 1.47 -50.07
C THR B 70 5.79 2.61 -49.28
N HIS B 71 5.76 2.54 -47.95
CA HIS B 71 5.22 3.63 -47.14
C HIS B 71 5.96 3.60 -45.80
N LEU B 72 7.09 4.31 -45.74
CA LEU B 72 7.99 4.19 -44.59
C LEU B 72 7.33 4.64 -43.29
N ASP B 73 6.37 5.58 -43.36
CA ASP B 73 5.74 6.12 -42.16
C ASP B 73 4.94 5.08 -41.41
N ARG B 74 4.60 3.96 -42.06
CA ARG B 74 3.95 2.89 -41.33
C ARG B 74 4.79 2.46 -40.13
N ALA B 75 6.12 2.63 -40.19
CA ALA B 75 6.98 2.09 -39.13
C ALA B 75 6.65 2.72 -37.79
N LYS B 76 6.27 3.98 -37.76
CA LYS B 76 5.94 4.63 -36.51
C LYS B 76 4.44 4.80 -36.30
N THR B 77 3.62 4.14 -37.11
CA THR B 77 2.18 4.15 -36.90
C THR B 77 1.77 2.93 -36.07
N ALA B 78 0.75 3.11 -35.24
CA ALA B 78 0.28 2.04 -34.37
C ALA B 78 -0.85 1.26 -35.04
N TYR B 79 -0.80 -0.05 -34.90
CA TYR B 79 -1.80 -0.94 -35.46
C TYR B 79 -2.14 -1.98 -34.41
N ILE B 80 -3.32 -2.59 -34.55
CA ILE B 80 -3.61 -3.71 -33.62
C ILE B 80 -2.60 -4.82 -33.86
N PRO B 81 -2.12 -5.50 -32.82
CA PRO B 81 -1.12 -6.55 -33.04
C PRO B 81 -1.71 -7.79 -33.67
N ALA B 82 -3.03 -7.97 -33.62
CA ALA B 82 -3.69 -9.19 -34.07
C ALA B 82 -2.90 -10.41 -33.58
N SER B 83 -2.72 -11.42 -34.44
CA SER B 83 -2.17 -12.68 -33.96
C SER B 83 -0.72 -12.58 -33.48
N THR B 84 0.01 -11.49 -33.77
CA THR B 84 1.35 -11.38 -33.18
C THR B 84 1.29 -11.16 -31.68
N PHE B 85 0.14 -10.75 -31.14
CA PHE B 85 0.02 -10.61 -29.70
C PHE B 85 0.17 -11.96 -28.99
N LYS B 86 0.04 -13.08 -29.71
CA LYS B 86 0.21 -14.39 -29.09
C LYS B 86 1.54 -14.49 -28.38
N ILE B 87 2.56 -13.78 -28.88
CA ILE B 87 3.88 -13.83 -28.26
C ILE B 87 3.81 -13.28 -26.85
N ALA B 88 3.19 -12.11 -26.68
CA ALA B 88 3.06 -11.52 -25.36
C ALA B 88 2.12 -12.34 -24.48
N ASN B 89 0.97 -12.71 -25.04
CA ASN B 89 0.02 -13.57 -24.33
C ASN B 89 0.75 -14.77 -23.71
N ALA B 90 1.48 -15.52 -24.54
CA ALA B 90 2.17 -16.71 -24.05
C ALA B 90 3.20 -16.35 -22.97
N LEU B 91 3.95 -15.26 -23.17
CA LEU B 91 4.94 -14.86 -22.18
C LEU B 91 4.27 -14.56 -20.85
N ILE B 92 3.22 -13.74 -20.88
CA ILE B 92 2.51 -13.35 -19.67
C ILE B 92 1.86 -14.58 -19.02
N GLY B 93 1.26 -15.46 -19.84
CA GLY B 93 0.58 -16.62 -19.28
C GLY B 93 1.53 -17.57 -18.58
N LEU B 94 2.70 -17.81 -19.18
CA LEU B 94 3.68 -18.70 -18.56
C LEU B 94 4.34 -18.05 -17.35
N GLU B 95 4.68 -16.76 -17.47
CA GLU B 95 5.34 -16.06 -16.38
C GLU B 95 4.53 -16.10 -15.10
N ASN B 96 3.21 -16.00 -15.21
CA ASN B 96 2.34 -15.91 -14.05
C ASN B 96 1.63 -17.22 -13.74
N HIS B 97 2.14 -18.34 -14.26
CA HIS B 97 1.71 -19.67 -13.88
C HIS B 97 0.22 -19.89 -14.21
N LYS B 98 -0.26 -19.24 -15.26
CA LYS B 98 -1.61 -19.50 -15.74
C LYS B 98 -1.65 -20.64 -16.74
N ALA B 99 -0.50 -21.06 -17.25
CA ALA B 99 -0.38 -22.26 -18.08
C ALA B 99 1.07 -22.70 -18.04
N THR B 100 1.30 -23.95 -18.44
CA THR B 100 2.64 -24.39 -18.78
C THR B 100 2.73 -24.58 -20.30
N SER B 101 3.95 -24.77 -20.78
CA SER B 101 4.15 -25.05 -22.20
C SER B 101 3.87 -26.51 -22.55
N THR B 102 3.54 -27.33 -21.56
CA THR B 102 3.31 -28.76 -21.76
C THR B 102 1.83 -29.11 -21.76
N GLU B 103 1.01 -28.32 -21.10
CA GLU B 103 -0.37 -28.73 -20.93
C GLU B 103 -1.13 -28.62 -22.24
N ILE B 104 -2.14 -29.47 -22.38
CA ILE B 104 -2.96 -29.54 -23.57
C ILE B 104 -4.22 -28.73 -23.31
N PHE B 105 -4.41 -27.68 -24.08
CA PHE B 105 -5.70 -26.97 -24.14
C PHE B 105 -6.64 -27.81 -24.99
N LYS B 106 -7.61 -28.44 -24.37
CA LYS B 106 -8.46 -29.40 -25.06
C LYS B 106 -9.62 -28.69 -25.74
N TRP B 107 -9.93 -29.13 -26.96
CA TRP B 107 -11.13 -28.67 -27.65
C TRP B 107 -12.35 -29.08 -26.85
N ASP B 108 -13.27 -28.13 -26.64
CA ASP B 108 -14.48 -28.40 -25.87
C ASP B 108 -15.59 -29.03 -26.69
N GLY B 109 -15.38 -29.24 -27.99
CA GLY B 109 -16.35 -29.93 -28.82
C GLY B 109 -17.30 -29.03 -29.59
N LYS B 110 -17.24 -27.75 -29.37
CA LYS B 110 -18.07 -26.80 -30.13
C LYS B 110 -17.27 -26.28 -31.32
N PRO B 111 -17.85 -26.28 -32.52
CA PRO B 111 -17.06 -25.98 -33.71
C PRO B 111 -16.52 -24.55 -33.67
N ARG B 112 -15.24 -24.41 -34.01
CA ARG B 112 -14.59 -23.11 -34.03
C ARG B 112 -14.65 -22.57 -35.45
N PHE B 113 -14.07 -21.39 -35.67
CA PHE B 113 -14.19 -20.75 -36.97
C PHE B 113 -13.61 -21.62 -38.08
N PHE B 114 -12.51 -22.32 -37.81
CA PHE B 114 -11.90 -23.20 -38.80
C PHE B 114 -11.89 -24.63 -38.29
N LYS B 115 -12.20 -25.57 -39.17
CA LYS B 115 -12.17 -26.98 -38.80
C LYS B 115 -10.78 -27.41 -38.34
N ALA B 116 -9.73 -26.72 -38.80
CA ALA B 116 -8.39 -27.04 -38.34
C ALA B 116 -8.18 -26.68 -36.88
N TRP B 117 -9.09 -25.94 -36.27
CA TRP B 117 -8.98 -25.57 -34.87
C TRP B 117 -9.75 -26.49 -33.92
N ASP B 118 -10.53 -27.44 -34.45
CA ASP B 118 -11.38 -28.31 -33.63
C ASP B 118 -10.58 -29.53 -33.14
N LYS B 119 -9.51 -29.24 -32.40
CA LYS B 119 -8.67 -30.30 -31.88
C LYS B 119 -7.88 -29.73 -30.72
N ASP B 120 -7.11 -30.59 -30.07
CA ASP B 120 -6.34 -30.23 -28.89
C ASP B 120 -4.99 -29.62 -29.27
N PHE B 121 -4.52 -28.71 -28.43
CA PHE B 121 -3.30 -27.96 -28.71
C PHE B 121 -2.57 -27.66 -27.42
N THR B 122 -1.26 -27.81 -27.45
CA THR B 122 -0.43 -27.09 -26.51
C THR B 122 -0.32 -25.65 -26.97
N LEU B 123 0.22 -24.79 -26.09
CA LEU B 123 0.47 -23.40 -26.48
C LEU B 123 1.37 -23.32 -27.70
N GLY B 124 2.37 -24.20 -27.77
CA GLY B 124 3.26 -24.20 -28.91
C GLY B 124 2.55 -24.64 -30.18
N GLU B 125 1.82 -25.76 -30.11
CA GLU B 125 1.03 -26.19 -31.25
C GLU B 125 0.02 -25.11 -31.66
N ALA B 126 -0.58 -24.42 -30.69
CA ALA B 126 -1.56 -23.39 -31.01
C ALA B 126 -0.90 -22.15 -31.59
N MET B 127 0.36 -21.88 -31.23
CA MET B 127 1.10 -20.79 -31.85
C MET B 127 1.38 -21.09 -33.31
N GLN B 128 1.84 -22.31 -33.61
CA GLN B 128 2.10 -22.70 -35.00
C GLN B 128 0.82 -22.69 -35.84
N ALA B 129 -0.30 -23.13 -35.26
CA ALA B 129 -1.58 -23.19 -35.95
C ALA B 129 -2.34 -21.88 -35.89
N SER B 130 -1.82 -20.91 -35.14
CA SER B 130 -2.49 -19.69 -34.70
C SER B 130 -3.96 -19.90 -34.33
N THR B 131 -4.16 -20.85 -33.42
CA THR B 131 -5.48 -21.14 -32.87
C THR B 131 -5.93 -20.03 -31.94
N VAL B 132 -6.69 -19.07 -32.45
CA VAL B 132 -7.12 -17.93 -31.63
C VAL B 132 -7.86 -18.38 -30.37
N PRO B 133 -8.82 -19.32 -30.42
CA PRO B 133 -9.57 -19.65 -29.19
C PRO B 133 -8.70 -20.19 -28.07
N VAL B 134 -7.61 -20.91 -28.39
CA VAL B 134 -6.72 -21.34 -27.33
C VAL B 134 -6.10 -20.14 -26.64
N TYR B 135 -5.66 -19.15 -27.43
CA TYR B 135 -5.03 -17.98 -26.80
C TYR B 135 -6.08 -17.08 -26.15
N GLN B 136 -7.32 -17.10 -26.63
CA GLN B 136 -8.39 -16.39 -25.93
C GLN B 136 -8.64 -17.01 -24.57
N GLU B 137 -8.59 -18.34 -24.48
CA GLU B 137 -8.75 -19.02 -23.20
C GLU B 137 -7.61 -18.66 -22.25
N LEU B 138 -6.38 -18.60 -22.77
CA LEU B 138 -5.25 -18.20 -21.94
C LEU B 138 -5.43 -16.79 -21.40
N ALA B 139 -5.89 -15.87 -22.26
CA ALA B 139 -6.17 -14.51 -21.80
C ALA B 139 -7.20 -14.49 -20.69
N ARG B 140 -8.28 -15.27 -20.82
CA ARG B 140 -9.28 -15.28 -19.74
C ARG B 140 -8.72 -15.90 -18.45
N ARG B 141 -7.82 -16.88 -18.55
CA ARG B 141 -7.12 -17.32 -17.34
C ARG B 141 -6.30 -16.19 -16.73
N ILE B 142 -5.64 -15.39 -17.57
CA ILE B 142 -4.86 -14.28 -17.04
C ILE B 142 -5.77 -13.26 -16.37
N GLY B 143 -6.91 -12.94 -16.98
CA GLY B 143 -7.82 -11.97 -16.43
C GLY B 143 -7.43 -10.54 -16.75
N PRO B 144 -8.41 -9.63 -16.79
CA PRO B 144 -8.11 -8.25 -17.23
C PRO B 144 -7.22 -7.48 -16.26
N SER B 145 -7.30 -7.77 -14.96
CA SER B 145 -6.45 -7.08 -14.00
C SER B 145 -4.98 -7.36 -14.25
N LEU B 146 -4.60 -8.64 -14.28
CA LEU B 146 -3.21 -8.98 -14.52
C LEU B 146 -2.79 -8.62 -15.95
N MET B 147 -3.66 -8.82 -16.93
CA MET B 147 -3.24 -8.52 -18.30
C MET B 147 -2.83 -7.05 -18.41
N GLN B 148 -3.61 -6.17 -17.78
CA GLN B 148 -3.34 -4.73 -17.83
C GLN B 148 -2.00 -4.40 -17.17
N SER B 149 -1.80 -4.86 -15.93
CA SER B 149 -0.58 -4.51 -15.21
C SER B 149 0.65 -5.11 -15.88
N GLU B 150 0.50 -6.23 -16.58
CA GLU B 150 1.66 -6.83 -17.23
C GLU B 150 2.03 -6.06 -18.50
N LEU B 151 1.05 -5.73 -19.33
CA LEU B 151 1.35 -4.90 -20.50
C LEU B 151 1.92 -3.54 -20.08
N GLN B 152 1.43 -2.99 -18.96
CA GLN B 152 2.04 -1.76 -18.45
C GLN B 152 3.45 -2.01 -17.96
N ARG B 153 3.68 -3.13 -17.29
CA ARG B 153 5.01 -3.41 -16.75
C ARG B 153 6.05 -3.55 -17.85
N ILE B 154 5.69 -4.15 -18.98
CA ILE B 154 6.63 -4.38 -20.07
C ILE B 154 6.51 -3.35 -21.17
N GLY B 155 5.60 -2.38 -21.04
CA GLY B 155 5.50 -1.32 -22.04
C GLY B 155 5.09 -1.77 -23.42
N TYR B 156 4.12 -2.66 -23.52
CA TYR B 156 3.73 -3.22 -24.81
C TYR B 156 2.72 -2.29 -25.51
N GLY B 157 3.16 -1.64 -26.58
CA GLY B 157 2.28 -0.81 -27.37
C GLY B 157 1.69 0.31 -26.55
N ASN B 158 0.42 0.61 -26.79
CA ASN B 158 -0.22 1.64 -25.98
C ASN B 158 -0.77 1.09 -24.67
N MET B 159 -0.67 -0.23 -24.46
CA MET B 159 -0.99 -0.85 -23.17
C MET B 159 -2.48 -0.73 -22.80
N GLN B 160 -3.37 -0.60 -23.78
CA GLN B 160 -4.81 -0.48 -23.53
C GLN B 160 -5.50 -1.80 -23.84
N ILE B 161 -6.31 -2.30 -22.92
CA ILE B 161 -7.06 -3.53 -23.14
C ILE B 161 -8.57 -3.33 -23.12
N GLY B 162 -9.07 -2.18 -22.69
CA GLY B 162 -10.53 -2.03 -22.64
C GLY B 162 -11.12 -3.01 -21.67
N THR B 163 -12.30 -3.54 -22.00
CA THR B 163 -13.05 -4.40 -21.10
C THR B 163 -13.18 -5.86 -21.56
N GLU B 164 -12.89 -6.18 -22.81
CA GLU B 164 -13.04 -7.55 -23.30
C GLU B 164 -11.66 -8.20 -23.33
N VAL B 165 -11.36 -8.99 -22.30
CA VAL B 165 -10.00 -9.50 -22.13
C VAL B 165 -9.61 -10.48 -23.23
N ASP B 166 -10.57 -11.06 -23.95
CA ASP B 166 -10.25 -11.98 -25.02
C ASP B 166 -10.43 -11.35 -26.40
N GLN B 167 -10.56 -10.02 -26.50
CA GLN B 167 -10.75 -9.35 -27.77
C GLN B 167 -9.78 -8.21 -28.05
N PHE B 168 -9.02 -7.73 -27.06
CA PHE B 168 -8.41 -6.42 -27.21
C PHE B 168 -7.34 -6.39 -28.29
N TRP B 169 -6.69 -7.53 -28.59
CA TRP B 169 -5.66 -7.51 -29.62
C TRP B 169 -6.23 -7.76 -31.00
N LEU B 170 -7.54 -8.01 -31.09
CA LEU B 170 -8.20 -8.40 -32.33
C LEU B 170 -9.02 -7.29 -32.94
N LYS B 171 -9.47 -6.33 -32.13
CA LYS B 171 -10.23 -5.20 -32.65
C LYS B 171 -9.95 -3.92 -31.87
N GLY B 172 -8.78 -3.83 -31.24
CA GLY B 172 -8.50 -2.71 -30.39
C GLY B 172 -9.09 -2.92 -29.02
N PRO B 173 -8.75 -2.04 -28.07
CA PRO B 173 -8.01 -0.79 -28.25
C PRO B 173 -6.48 -0.92 -28.27
N LEU B 174 -5.93 -2.12 -28.01
CA LEU B 174 -4.49 -2.28 -28.00
C LEU B 174 -3.89 -2.05 -29.38
N THR B 175 -2.88 -1.20 -29.46
CA THR B 175 -2.16 -1.00 -30.71
C THR B 175 -0.67 -0.92 -30.43
N ILE B 176 0.12 -1.28 -31.44
CA ILE B 176 1.58 -1.26 -31.34
C ILE B 176 2.16 -0.85 -32.69
N THR B 177 3.33 -0.16 -32.67
CA THR B 177 3.99 0.20 -33.93
C THR B 177 4.93 -0.90 -34.39
N PRO B 178 5.25 -0.94 -35.69
CA PRO B 178 6.23 -1.92 -36.16
C PRO B 178 7.61 -1.76 -35.52
N ILE B 179 8.04 -0.53 -35.23
CA ILE B 179 9.30 -0.35 -34.50
C ILE B 179 9.21 -0.98 -33.11
N GLN B 180 8.08 -0.77 -32.41
CA GLN B 180 7.90 -1.38 -31.09
C GLN B 180 7.90 -2.91 -31.19
N GLU B 181 7.18 -3.46 -32.17
CA GLU B 181 7.17 -4.91 -32.33
C GLU B 181 8.56 -5.46 -32.57
N VAL B 182 9.38 -4.77 -33.37
CA VAL B 182 10.66 -5.31 -33.76
C VAL B 182 11.65 -5.29 -32.58
N LYS B 183 11.56 -4.27 -31.71
CA LYS B 183 12.39 -4.25 -30.52
C LYS B 183 11.93 -5.30 -29.51
N PHE B 184 10.61 -5.53 -29.43
CA PHE B 184 10.08 -6.53 -28.53
C PHE B 184 10.63 -7.92 -28.87
N VAL B 185 10.55 -8.31 -30.16
CA VAL B 185 11.02 -9.64 -30.51
C VAL B 185 12.55 -9.72 -30.51
N TYR B 186 13.24 -8.60 -30.76
CA TYR B 186 14.69 -8.62 -30.63
C TYR B 186 15.09 -8.99 -29.22
N ASP B 187 14.46 -8.35 -28.23
CA ASP B 187 14.76 -8.64 -26.82
C ASP B 187 14.36 -10.06 -26.46
N LEU B 188 13.28 -10.56 -27.03
CA LEU B 188 12.94 -11.96 -26.85
C LEU B 188 14.07 -12.86 -27.35
N ALA B 189 14.57 -12.57 -28.56
CA ALA B 189 15.63 -13.39 -29.14
C ALA B 189 16.88 -13.39 -28.27
N GLN B 190 17.17 -12.26 -27.63
CA GLN B 190 18.34 -12.13 -26.77
C GLN B 190 18.06 -12.49 -25.32
N GLY B 191 16.81 -12.80 -24.95
CA GLY B 191 16.54 -13.10 -23.56
C GLY B 191 16.51 -11.90 -22.64
N GLN B 192 16.29 -10.72 -23.21
CA GLN B 192 16.37 -9.44 -22.51
C GLN B 192 15.02 -8.89 -22.09
N LEU B 193 13.92 -9.55 -22.44
CA LEU B 193 12.61 -9.11 -21.98
C LEU B 193 12.49 -9.32 -20.47
N PRO B 194 11.55 -8.60 -19.81
CA PRO B 194 11.36 -8.76 -18.36
C PRO B 194 10.49 -9.96 -18.00
N PHE B 195 10.95 -11.14 -18.40
CA PHE B 195 10.32 -12.42 -18.09
C PHE B 195 11.42 -13.40 -17.69
N LYS B 196 11.02 -14.51 -17.06
CA LYS B 196 12.03 -15.49 -16.67
C LYS B 196 12.76 -16.03 -17.90
N PRO B 197 14.05 -16.35 -17.78
CA PRO B 197 14.79 -16.90 -18.92
C PRO B 197 14.13 -18.13 -19.55
N GLU B 198 13.64 -19.05 -18.74
CA GLU B 198 13.00 -20.25 -19.28
C GLU B 198 11.67 -19.92 -19.95
N VAL B 199 10.93 -18.93 -19.43
CA VAL B 199 9.71 -18.47 -20.09
C VAL B 199 10.03 -17.88 -21.46
N GLN B 200 11.07 -17.06 -21.56
CA GLN B 200 11.45 -16.54 -22.88
C GLN B 200 11.93 -17.66 -23.80
N GLN B 201 12.79 -18.57 -23.28
CA GLN B 201 13.27 -19.69 -24.08
C GLN B 201 12.10 -20.47 -24.68
N GLN B 202 11.10 -20.80 -23.86
CA GLN B 202 9.99 -21.62 -24.34
C GLN B 202 9.16 -20.90 -25.40
N VAL B 203 8.88 -19.61 -25.19
CA VAL B 203 8.07 -18.89 -26.16
C VAL B 203 8.89 -18.64 -27.42
N LYS B 204 10.18 -18.36 -27.27
CA LYS B 204 11.07 -18.24 -28.42
C LYS B 204 10.95 -19.43 -29.34
N GLU B 205 11.04 -20.65 -28.79
CA GLU B 205 11.06 -21.80 -29.69
C GLU B 205 9.69 -22.16 -30.26
N MET B 206 8.61 -21.71 -29.62
CA MET B 206 7.28 -21.78 -30.25
C MET B 206 7.24 -21.07 -31.59
N LEU B 207 8.11 -20.09 -31.79
CA LEU B 207 8.17 -19.25 -32.97
C LEU B 207 9.09 -19.79 -34.04
N TYR B 208 9.79 -20.89 -33.79
CA TYR B 208 10.83 -21.34 -34.71
C TYR B 208 10.22 -21.84 -36.02
N VAL B 209 10.78 -21.36 -37.14
CA VAL B 209 10.27 -21.68 -38.46
C VAL B 209 11.20 -22.62 -39.22
N GLU B 210 12.45 -22.23 -39.40
CA GLU B 210 13.35 -23.02 -40.24
C GLU B 210 14.78 -22.57 -40.01
N ARG B 211 15.70 -23.44 -40.39
CA ARG B 211 17.12 -23.13 -40.35
C ARG B 211 17.74 -23.35 -41.71
N ARG B 212 18.83 -22.60 -41.95
CA ARG B 212 19.70 -22.76 -43.11
C ARG B 212 21.12 -22.65 -42.58
N GLY B 213 21.87 -23.74 -42.62
CA GLY B 213 23.13 -23.76 -41.91
C GLY B 213 22.86 -23.65 -40.43
N GLU B 214 23.59 -22.77 -39.74
CA GLU B 214 23.27 -22.47 -38.36
C GLU B 214 22.38 -21.23 -38.23
N ASN B 215 21.97 -20.62 -39.33
CA ASN B 215 21.07 -19.48 -39.29
C ASN B 215 19.64 -19.96 -39.00
N ARG B 216 19.02 -19.40 -37.97
CA ARG B 216 17.67 -19.80 -37.59
C ARG B 216 16.67 -18.68 -37.83
N LEU B 217 15.57 -18.99 -38.50
CA LEU B 217 14.45 -18.06 -38.68
C LEU B 217 13.35 -18.36 -37.65
N TYR B 218 12.92 -17.32 -36.95
CA TYR B 218 11.78 -17.35 -36.04
C TYR B 218 10.79 -16.29 -36.50
N ALA B 219 9.49 -16.61 -36.48
CA ALA B 219 8.53 -15.64 -36.99
C ALA B 219 7.11 -15.95 -36.53
N LYS B 220 6.25 -14.94 -36.65
CA LYS B 220 4.85 -15.05 -36.31
C LYS B 220 4.07 -14.17 -37.29
N SER B 221 3.11 -14.73 -37.99
CA SER B 221 2.32 -13.96 -38.93
C SER B 221 1.12 -13.35 -38.20
N GLY B 222 0.48 -12.39 -38.87
CA GLY B 222 -0.76 -11.85 -38.35
C GLY B 222 -1.57 -11.18 -39.44
N TRP B 223 -2.88 -11.40 -39.45
CA TRP B 223 -3.80 -10.68 -40.31
C TRP B 223 -4.98 -10.22 -39.46
N GLY B 224 -4.95 -8.95 -39.06
CA GLY B 224 -6.07 -8.38 -38.36
C GLY B 224 -7.19 -8.03 -39.32
N MET B 225 -8.23 -8.87 -39.39
CA MET B 225 -9.36 -8.64 -40.28
C MET B 225 -10.49 -7.82 -39.64
N ALA B 226 -10.57 -7.76 -38.32
CA ALA B 226 -11.69 -7.11 -37.65
C ALA B 226 -11.61 -5.59 -37.65
N VAL B 227 -10.53 -4.99 -38.16
CA VAL B 227 -10.41 -3.54 -38.18
C VAL B 227 -10.27 -3.06 -39.62
N ASP B 228 -10.49 -1.76 -39.81
CA ASP B 228 -10.40 -1.15 -41.13
C ASP B 228 -9.47 0.06 -41.05
N PRO B 229 -8.43 0.14 -41.88
CA PRO B 229 -8.01 -0.88 -42.84
C PRO B 229 -7.49 -2.14 -42.13
N GLN B 230 -7.55 -3.28 -42.80
CA GLN B 230 -6.99 -4.51 -42.29
C GLN B 230 -5.46 -4.43 -42.25
N VAL B 231 -4.86 -5.15 -41.30
CA VAL B 231 -3.44 -5.04 -41.04
C VAL B 231 -2.80 -6.41 -41.13
N GLY B 232 -1.70 -6.49 -41.87
CA GLY B 232 -0.94 -7.70 -42.03
C GLY B 232 0.46 -7.58 -41.47
N TRP B 233 0.85 -8.54 -40.64
CA TRP B 233 2.13 -8.58 -39.95
C TRP B 233 2.93 -9.82 -40.35
N TYR B 234 4.24 -9.68 -40.35
CA TYR B 234 5.14 -10.83 -40.29
C TYR B 234 6.32 -10.37 -39.46
N VAL B 235 6.35 -10.75 -38.19
CA VAL B 235 7.40 -10.25 -37.30
C VAL B 235 8.21 -11.45 -36.80
N GLY B 236 9.47 -11.19 -36.46
CA GLY B 236 10.34 -12.27 -36.03
C GLY B 236 11.79 -11.83 -36.04
N PHE B 237 12.68 -12.82 -36.18
CA PHE B 237 14.10 -12.51 -36.14
C PHE B 237 14.89 -13.66 -36.76
N VAL B 238 16.10 -13.35 -37.20
CA VAL B 238 17.06 -14.34 -37.66
C VAL B 238 18.20 -14.38 -36.65
N GLU B 239 18.51 -15.58 -36.19
CA GLU B 239 19.59 -15.78 -35.22
C GLU B 239 20.77 -16.41 -35.96
N LYS B 240 21.88 -15.69 -36.01
CA LYS B 240 23.08 -16.23 -36.65
C LYS B 240 23.80 -17.17 -35.70
N ALA B 241 24.74 -17.95 -36.25
CA ALA B 241 25.50 -18.92 -35.46
C ALA B 241 26.20 -18.26 -34.28
N ASP B 242 26.96 -17.19 -34.55
CA ASP B 242 27.67 -16.41 -33.54
C ASP B 242 26.74 -15.80 -32.50
N GLY B 243 25.43 -15.84 -32.73
CA GLY B 243 24.51 -15.24 -31.80
C GLY B 243 24.16 -13.81 -32.10
N GLN B 244 24.56 -13.30 -33.26
CA GLN B 244 24.02 -12.02 -33.71
C GLN B 244 22.57 -12.22 -34.11
N VAL B 245 21.74 -11.24 -33.80
CA VAL B 245 20.32 -11.28 -34.10
C VAL B 245 19.97 -10.10 -34.97
N VAL B 246 19.26 -10.35 -36.06
CA VAL B 246 18.56 -9.31 -36.79
C VAL B 246 17.06 -9.58 -36.67
N ALA B 247 16.35 -8.68 -36.02
CA ALA B 247 14.89 -8.79 -35.96
C ALA B 247 14.26 -8.00 -37.09
N PHE B 248 13.02 -8.37 -37.41
CA PHE B 248 12.34 -7.75 -38.52
C PHE B 248 10.85 -7.67 -38.22
N ALA B 249 10.19 -6.69 -38.82
CA ALA B 249 8.74 -6.59 -38.78
C ALA B 249 8.28 -6.11 -40.14
N LEU B 250 7.61 -6.98 -40.89
CA LEU B 250 6.81 -6.54 -42.02
C LEU B 250 5.44 -6.12 -41.49
N ASN B 251 4.96 -4.97 -41.94
CA ASN B 251 3.62 -4.48 -41.63
C ASN B 251 3.06 -3.84 -42.88
N MET B 252 1.89 -4.33 -43.32
CA MET B 252 1.30 -3.86 -44.57
C MET B 252 -0.21 -3.87 -44.46
N GLN B 253 -0.84 -3.08 -45.32
CA GLN B 253 -2.29 -3.10 -45.40
C GLN B 253 -2.74 -4.31 -46.21
N MET B 254 -3.76 -4.95 -45.69
CA MET B 254 -4.35 -6.09 -46.40
C MET B 254 -5.80 -5.79 -46.80
N LYS B 255 -6.27 -6.52 -47.77
CA LYS B 255 -7.66 -6.47 -48.22
C LYS B 255 -8.10 -7.91 -48.46
N ALA B 256 -9.40 -8.12 -48.38
CA ALA B 256 -9.98 -9.42 -48.61
C ALA B 256 -9.60 -9.97 -49.97
N GLY B 257 -9.22 -11.23 -49.96
CA GLY B 257 -8.73 -11.88 -51.16
C GLY B 257 -7.23 -11.80 -51.38
N ASP B 258 -6.50 -11.13 -50.49
CA ASP B 258 -5.06 -11.06 -50.64
C ASP B 258 -4.44 -12.44 -50.48
N ASP B 259 -3.36 -12.67 -51.20
CA ASP B 259 -2.60 -13.92 -51.08
C ASP B 259 -2.06 -14.06 -49.65
N ILE B 260 -2.53 -15.10 -48.97
CA ILE B 260 -2.14 -15.37 -47.58
C ILE B 260 -0.64 -15.59 -47.46
N ALA B 261 -0.03 -16.19 -48.48
CA ALA B 261 1.39 -16.54 -48.40
C ALA B 261 2.31 -15.35 -48.64
N LEU B 262 1.77 -14.18 -49.00
CA LEU B 262 2.65 -13.11 -49.50
C LEU B 262 3.52 -12.52 -48.39
N ARG B 263 3.01 -12.30 -47.20
CA ARG B 263 3.78 -11.68 -46.10
C ARG B 263 5.10 -12.43 -45.89
N LYS B 264 5.04 -13.74 -45.80
CA LYS B 264 6.21 -14.57 -45.56
C LYS B 264 7.17 -14.55 -46.74
N GLN B 265 6.60 -14.63 -47.94
CA GLN B 265 7.43 -14.71 -49.17
C GLN B 265 8.14 -13.40 -49.39
N LEU B 266 7.38 -12.33 -49.19
CA LEU B 266 8.04 -11.03 -49.28
C LEU B 266 9.14 -10.90 -48.24
N SER B 267 8.86 -11.27 -46.99
CA SER B 267 9.86 -11.15 -45.93
C SER B 267 11.10 -11.99 -46.22
N LEU B 268 10.90 -13.23 -46.66
CA LEU B 268 12.04 -14.07 -47.00
C LEU B 268 12.83 -13.50 -48.18
N ASP B 269 12.13 -13.02 -49.22
CA ASP B 269 12.81 -12.32 -50.32
C ASP B 269 13.63 -11.15 -49.80
N VAL B 270 13.07 -10.38 -48.85
CA VAL B 270 13.79 -9.24 -48.31
C VAL B 270 15.02 -9.71 -47.53
N LEU B 271 14.84 -10.70 -46.65
CA LEU B 271 15.95 -11.13 -45.82
C LEU B 271 17.07 -11.70 -46.64
N ASP B 272 16.73 -12.29 -47.79
CA ASP B 272 17.77 -12.81 -48.69
C ASP B 272 18.52 -11.67 -49.37
N LYS B 273 17.82 -10.62 -49.78
CA LYS B 273 18.51 -9.52 -50.45
C LYS B 273 19.38 -8.73 -49.47
N LEU B 274 18.96 -8.62 -48.21
CA LEU B 274 19.83 -8.04 -47.19
C LEU B 274 21.02 -8.94 -46.84
N GLY B 275 21.06 -10.17 -47.33
CA GLY B 275 22.11 -11.05 -46.89
C GLY B 275 21.99 -11.50 -45.45
N VAL B 276 20.82 -11.34 -44.83
CA VAL B 276 20.61 -11.77 -43.46
C VAL B 276 20.22 -13.24 -43.40
N PHE B 277 19.44 -13.69 -44.37
CA PHE B 277 18.97 -15.07 -44.42
C PHE B 277 18.98 -15.50 -45.89
N HIS B 278 20.17 -15.86 -46.39
CA HIS B 278 20.33 -16.20 -47.79
C HIS B 278 19.48 -17.42 -48.16
N TYR B 279 18.96 -17.43 -49.38
CA TYR B 279 18.47 -18.67 -49.95
C TYR B 279 19.63 -19.63 -50.23
N LEU B 280 19.34 -20.93 -50.18
CA LEU B 280 20.29 -21.95 -50.62
C LEU B 280 20.67 -21.78 -52.08
N SER C 38 4.75 -6.95 -0.78
CA SER C 38 4.19 -5.67 -1.25
C SER C 38 4.23 -4.61 -0.13
N ILE C 39 3.87 -4.99 1.10
CA ILE C 39 4.35 -4.19 2.22
C ILE C 39 5.88 -4.14 2.17
N ILE C 40 6.52 -5.22 1.72
CA ILE C 40 7.97 -5.24 1.58
C ILE C 40 8.43 -4.13 0.65
N ASP C 41 7.72 -3.95 -0.47
CA ASP C 41 8.07 -2.91 -1.43
C ASP C 41 7.83 -1.53 -0.85
N GLN C 42 6.76 -1.37 -0.07
CA GLN C 42 6.56 -0.10 0.62
C GLN C 42 7.68 0.18 1.61
N ASN C 43 8.10 -0.83 2.37
CA ASN C 43 9.16 -0.64 3.35
C ASN C 43 10.46 -0.22 2.68
N VAL C 44 10.78 -0.82 1.54
CA VAL C 44 12.03 -0.50 0.85
C VAL C 44 11.99 0.94 0.35
N GLN C 45 10.88 1.33 -0.29
CA GLN C 45 10.73 2.69 -0.81
C GLN C 45 10.85 3.74 0.29
N ALA C 46 10.33 3.45 1.48
CA ALA C 46 10.46 4.40 2.59
C ALA C 46 11.90 4.61 3.03
N LEU C 47 12.79 3.64 2.80
CA LEU C 47 14.21 3.89 2.99
C LEU C 47 14.69 5.02 2.09
N PHE C 48 14.17 5.09 0.87
CA PHE C 48 14.67 6.10 -0.05
C PHE C 48 14.07 7.48 0.20
N ASN C 49 13.00 7.61 0.98
CA ASN C 49 12.50 8.95 1.32
C ASN C 49 13.58 9.77 2.01
N GLU C 50 14.52 9.12 2.67
CA GLU C 50 15.62 9.76 3.39
C GLU C 50 16.81 10.07 2.49
N ILE C 51 16.84 9.57 1.26
CA ILE C 51 17.98 9.74 0.37
C ILE C 51 17.58 10.82 -0.63
N SER C 52 18.34 11.91 -0.65
CA SER C 52 18.03 12.97 -1.60
C SER C 52 18.61 12.70 -2.97
N ALA C 53 19.68 11.91 -3.06
CA ALA C 53 20.32 11.63 -4.34
C ALA C 53 19.45 10.76 -5.23
N ASP C 54 19.58 10.96 -6.54
CA ASP C 54 19.04 10.03 -7.50
C ASP C 54 19.68 8.66 -7.27
N ALA C 55 18.86 7.64 -7.02
CA ALA C 55 19.41 6.32 -6.71
C ALA C 55 18.53 5.24 -7.28
N VAL C 56 19.15 4.12 -7.65
CA VAL C 56 18.40 2.92 -7.97
C VAL C 56 19.10 1.74 -7.32
N PHE C 57 18.30 0.76 -6.91
CA PHE C 57 18.80 -0.48 -6.35
C PHE C 57 18.16 -1.60 -7.15
N VAL C 58 19.00 -2.41 -7.79
CA VAL C 58 18.54 -3.47 -8.70
C VAL C 58 18.83 -4.81 -8.04
N THR C 59 17.86 -5.73 -8.08
CA THR C 59 18.15 -7.10 -7.67
C THR C 59 17.94 -8.04 -8.84
N TYR C 60 18.64 -9.16 -8.78
CA TYR C 60 18.50 -10.24 -9.76
C TYR C 60 18.72 -11.56 -9.07
N ASP C 61 17.79 -12.49 -9.29
CA ASP C 61 17.78 -13.79 -8.61
C ASP C 61 17.90 -14.96 -9.57
N GLY C 62 18.40 -14.72 -10.78
CA GLY C 62 18.38 -15.71 -11.83
C GLY C 62 17.07 -15.82 -12.58
N GLN C 63 16.01 -15.16 -12.11
CA GLN C 63 14.74 -15.20 -12.81
C GLN C 63 14.25 -13.81 -13.22
N ASN C 64 14.18 -12.88 -12.27
CA ASN C 64 13.57 -11.59 -12.54
C ASN C 64 14.42 -10.46 -12.01
N ILE C 65 14.54 -9.40 -12.81
CA ILE C 65 15.11 -8.13 -12.37
C ILE C 65 14.05 -7.35 -11.59
N LYS C 66 14.38 -6.90 -10.40
CA LYS C 66 13.52 -5.96 -9.66
C LYS C 66 14.27 -4.67 -9.37
N LYS C 67 13.53 -3.57 -9.27
CA LYS C 67 14.13 -2.24 -9.15
C LYS C 67 13.48 -1.48 -8.02
N TYR C 68 14.30 -0.79 -7.23
CA TYR C 68 13.86 0.07 -6.14
C TYR C 68 14.64 1.37 -6.21
N GLY C 69 14.12 2.43 -5.53
CA GLY C 69 14.88 3.65 -5.34
C GLY C 69 14.15 4.90 -5.79
N THR C 70 14.92 5.99 -5.94
CA THR C 70 14.37 7.31 -6.22
C THR C 70 14.34 7.67 -7.69
N HIS C 71 15.17 7.03 -8.52
CA HIS C 71 15.16 7.29 -9.97
C HIS C 71 15.36 5.96 -10.68
N LEU C 72 14.25 5.33 -11.04
CA LEU C 72 14.33 3.96 -11.54
C LEU C 72 15.03 3.88 -12.89
N ASP C 73 14.95 4.93 -13.71
CA ASP C 73 15.59 4.92 -15.02
C ASP C 73 17.11 4.73 -14.95
N ARG C 74 17.74 5.01 -13.81
CA ARG C 74 19.17 4.73 -13.67
C ARG C 74 19.50 3.26 -13.95
N ALA C 75 18.54 2.35 -13.74
CA ALA C 75 18.82 0.93 -13.90
C ALA C 75 19.21 0.60 -15.34
N LYS C 76 18.68 1.33 -16.32
CA LYS C 76 19.00 1.08 -17.72
C LYS C 76 19.89 2.16 -18.31
N THR C 77 20.49 3.00 -17.48
CA THR C 77 21.45 4.01 -17.92
C THR C 77 22.86 3.46 -17.77
N ALA C 78 23.71 3.74 -18.74
CA ALA C 78 25.10 3.29 -18.69
C ALA C 78 25.97 4.30 -17.95
N TYR C 79 26.78 3.81 -17.02
CA TYR C 79 27.72 4.62 -16.27
C TYR C 79 29.09 3.96 -16.32
N ILE C 80 30.14 4.74 -16.07
CA ILE C 80 31.45 4.09 -15.95
C ILE C 80 31.42 3.11 -14.79
N PRO C 81 32.09 1.96 -14.88
CA PRO C 81 32.12 1.02 -13.75
C PRO C 81 32.94 1.50 -12.57
N ALA C 82 33.84 2.47 -12.77
CA ALA C 82 34.81 2.82 -11.73
C ALA C 82 35.40 1.57 -11.06
N SER C 83 35.54 1.60 -9.73
CA SER C 83 36.21 0.54 -9.00
C SER C 83 35.49 -0.81 -9.10
N THR C 84 34.22 -0.86 -9.51
CA THR C 84 33.59 -2.17 -9.69
C THR C 84 34.21 -2.95 -10.84
N PHE C 85 34.95 -2.27 -11.74
CA PHE C 85 35.65 -2.97 -12.81
C PHE C 85 36.76 -3.91 -12.30
N LYS C 86 37.26 -3.72 -11.08
CA LYS C 86 38.28 -4.63 -10.58
C LYS C 86 37.85 -6.09 -10.69
N ILE C 87 36.54 -6.36 -10.58
CA ILE C 87 36.07 -7.74 -10.68
C ILE C 87 36.43 -8.32 -12.04
N ALA C 88 36.02 -7.64 -13.12
CA ALA C 88 36.34 -8.13 -14.47
C ALA C 88 37.84 -8.14 -14.70
N ASN C 89 38.52 -7.08 -14.26
CA ASN C 89 39.96 -6.95 -14.47
C ASN C 89 40.70 -8.10 -13.80
N ALA C 90 40.32 -8.44 -12.57
CA ALA C 90 40.91 -9.57 -11.88
C ALA C 90 40.66 -10.87 -12.65
N LEU C 91 39.40 -11.09 -13.07
CA LEU C 91 39.07 -12.30 -13.83
C LEU C 91 39.95 -12.41 -15.07
N ILE C 92 40.04 -11.32 -15.84
CA ILE C 92 40.81 -11.34 -17.07
C ILE C 92 42.29 -11.58 -16.77
N GLY C 93 42.83 -10.92 -15.74
CA GLY C 93 44.23 -11.09 -15.42
C GLY C 93 44.58 -12.52 -15.03
N LEU C 94 43.76 -13.13 -14.17
CA LEU C 94 44.05 -14.51 -13.74
C LEU C 94 43.82 -15.50 -14.87
N GLU C 95 42.74 -15.31 -15.64
CA GLU C 95 42.42 -16.23 -16.73
C GLU C 95 43.55 -16.30 -17.75
N ASN C 96 44.22 -15.18 -18.00
CA ASN C 96 45.22 -15.10 -19.04
C ASN C 96 46.66 -15.08 -18.50
N HIS C 97 46.87 -15.59 -17.29
CA HIS C 97 48.22 -15.81 -16.74
C HIS C 97 49.02 -14.51 -16.66
N LYS C 98 48.34 -13.41 -16.36
CA LYS C 98 49.03 -12.15 -16.09
C LYS C 98 49.33 -11.95 -14.61
N ALA C 99 48.68 -12.73 -13.74
CA ALA C 99 48.85 -12.64 -12.30
C ALA C 99 48.29 -13.92 -11.70
N THR C 100 48.68 -14.20 -10.46
CA THR C 100 48.01 -15.16 -9.60
C THR C 100 47.50 -14.43 -8.37
N SER C 101 46.50 -15.04 -7.72
CA SER C 101 45.92 -14.42 -6.53
C SER C 101 46.87 -14.43 -5.33
N THR C 102 47.98 -15.15 -5.39
CA THR C 102 48.91 -15.11 -4.27
C THR C 102 50.15 -14.25 -4.55
N GLU C 103 50.36 -13.80 -5.80
CA GLU C 103 51.54 -12.99 -6.04
C GLU C 103 51.38 -11.60 -5.44
N ILE C 104 52.48 -11.05 -4.96
CA ILE C 104 52.48 -9.76 -4.29
C ILE C 104 52.82 -8.69 -5.32
N PHE C 105 51.96 -7.68 -5.44
CA PHE C 105 52.26 -6.51 -6.26
C PHE C 105 53.07 -5.53 -5.40
N LYS C 106 54.32 -5.32 -5.77
CA LYS C 106 55.25 -4.58 -4.92
C LYS C 106 55.05 -3.09 -5.10
N TRP C 107 54.98 -2.35 -3.99
CA TRP C 107 54.99 -0.90 -4.10
C TRP C 107 56.32 -0.46 -4.67
N ASP C 108 56.29 0.44 -5.64
CA ASP C 108 57.51 0.94 -6.27
C ASP C 108 58.07 2.17 -5.58
N GLY C 109 57.53 2.56 -4.44
CA GLY C 109 58.04 3.70 -3.71
C GLY C 109 57.56 5.06 -4.20
N LYS C 110 56.83 5.13 -5.32
CA LYS C 110 56.46 6.54 -5.44
C LYS C 110 55.03 6.76 -4.95
N PRO C 111 54.82 7.83 -4.20
CA PRO C 111 53.54 8.00 -3.48
C PRO C 111 52.33 7.93 -4.39
N ARG C 112 51.29 7.25 -3.90
CA ARG C 112 50.03 7.08 -4.60
C ARG C 112 49.02 8.08 -4.04
N PHE C 113 47.82 8.11 -4.63
CA PHE C 113 46.90 9.20 -4.28
C PHE C 113 46.49 9.13 -2.81
N PHE C 114 46.41 7.93 -2.25
CA PHE C 114 46.11 7.75 -0.83
C PHE C 114 47.29 7.08 -0.16
N LYS C 115 47.69 7.60 1.00
CA LYS C 115 48.82 7.02 1.73
C LYS C 115 48.60 5.54 2.01
N ALA C 116 47.36 5.14 2.26
CA ALA C 116 47.07 3.74 2.56
C ALA C 116 47.42 2.81 1.41
N TRP C 117 47.64 3.36 0.22
CA TRP C 117 47.99 2.55 -0.94
C TRP C 117 49.49 2.36 -1.09
N ASP C 118 50.30 2.96 -0.22
CA ASP C 118 51.76 2.97 -0.36
C ASP C 118 52.39 1.75 0.31
N LYS C 119 52.02 0.56 -0.17
CA LYS C 119 52.49 -0.70 0.40
C LYS C 119 52.30 -1.79 -0.65
N ASP C 120 52.70 -3.00 -0.31
CA ASP C 120 52.50 -4.14 -1.20
C ASP C 120 51.10 -4.73 -1.00
N PHE C 121 50.63 -5.43 -2.03
CA PHE C 121 49.29 -6.00 -2.05
C PHE C 121 49.29 -7.27 -2.91
N THR C 122 48.61 -8.30 -2.44
CA THR C 122 48.06 -9.28 -3.38
C THR C 122 46.82 -8.67 -4.04
N LEU C 123 46.39 -9.30 -5.14
CA LEU C 123 45.15 -8.85 -5.79
C LEU C 123 43.98 -8.83 -4.82
N GLY C 124 43.89 -9.85 -3.96
CA GLY C 124 42.79 -9.91 -3.01
C GLY C 124 42.82 -8.78 -1.99
N GLU C 125 44.00 -8.52 -1.43
CA GLU C 125 44.15 -7.36 -0.56
C GLU C 125 43.87 -6.07 -1.34
N ALA C 126 44.35 -5.99 -2.58
CA ALA C 126 44.14 -4.78 -3.36
C ALA C 126 42.67 -4.57 -3.66
N MET C 127 41.92 -5.66 -3.82
CA MET C 127 40.47 -5.55 -4.01
C MET C 127 39.79 -4.97 -2.78
N GLN C 128 40.15 -5.46 -1.59
CA GLN C 128 39.52 -4.97 -0.36
C GLN C 128 39.86 -3.50 -0.13
N ALA C 129 41.11 -3.11 -0.35
CA ALA C 129 41.51 -1.72 -0.17
C ALA C 129 41.19 -0.88 -1.39
N SER C 130 40.71 -1.50 -2.47
CA SER C 130 40.45 -0.84 -3.75
C SER C 130 41.67 -0.04 -4.23
N THR C 131 42.82 -0.70 -4.25
CA THR C 131 44.09 -0.07 -4.60
C THR C 131 44.17 0.07 -6.10
N VAL C 132 43.68 1.22 -6.61
CA VAL C 132 43.65 1.44 -8.06
C VAL C 132 45.00 1.20 -8.74
N PRO C 133 46.14 1.74 -8.26
CA PRO C 133 47.40 1.51 -8.99
C PRO C 133 47.71 0.04 -9.18
N VAL C 134 47.36 -0.82 -8.24
CA VAL C 134 47.64 -2.24 -8.42
C VAL C 134 46.86 -2.79 -9.60
N TYR C 135 45.57 -2.43 -9.70
CA TYR C 135 44.76 -2.92 -10.81
C TYR C 135 45.07 -2.19 -12.11
N GLN C 136 45.62 -0.96 -12.02
CA GLN C 136 46.15 -0.35 -13.22
C GLN C 136 47.39 -1.09 -13.71
N GLU C 137 48.25 -1.54 -12.78
CA GLU C 137 49.38 -2.35 -13.18
C GLU C 137 48.90 -3.63 -13.87
N LEU C 138 47.85 -4.26 -13.33
CA LEU C 138 47.32 -5.48 -13.94
C LEU C 138 46.79 -5.22 -15.34
N ALA C 139 46.08 -4.11 -15.53
CA ALA C 139 45.58 -3.72 -16.83
C ALA C 139 46.71 -3.56 -17.85
N ARG C 140 47.83 -2.92 -17.46
CA ARG C 140 48.95 -2.78 -18.38
C ARG C 140 49.57 -4.14 -18.71
N ARG C 141 49.61 -5.07 -17.74
CA ARG C 141 50.05 -6.44 -18.03
C ARG C 141 49.19 -7.09 -19.10
N ILE C 142 47.87 -6.91 -18.98
CA ILE C 142 46.94 -7.47 -19.95
C ILE C 142 47.16 -6.88 -21.33
N GLY C 143 47.31 -5.55 -21.42
CA GLY C 143 47.51 -4.88 -22.68
C GLY C 143 46.19 -4.58 -23.38
N PRO C 144 46.19 -3.57 -24.27
CA PRO C 144 44.92 -3.17 -24.89
C PRO C 144 44.33 -4.21 -25.82
N SER C 145 45.16 -5.00 -26.51
CA SER C 145 44.61 -5.93 -27.49
C SER C 145 43.84 -7.04 -26.80
N LEU C 146 44.43 -7.64 -25.77
CA LEU C 146 43.75 -8.69 -25.03
C LEU C 146 42.63 -8.11 -24.17
N MET C 147 42.83 -6.93 -23.57
CA MET C 147 41.74 -6.36 -22.78
C MET C 147 40.51 -6.14 -23.66
N GLN C 148 40.73 -5.61 -24.87
CA GLN C 148 39.64 -5.38 -25.79
C GLN C 148 38.96 -6.69 -26.18
N SER C 149 39.74 -7.71 -26.54
CA SER C 149 39.12 -8.95 -26.98
C SER C 149 38.45 -9.69 -25.82
N GLU C 150 38.94 -9.53 -24.59
CA GLU C 150 38.27 -10.19 -23.46
C GLU C 150 36.96 -9.48 -23.10
N LEU C 151 36.95 -8.16 -23.11
CA LEU C 151 35.70 -7.47 -22.79
C LEU C 151 34.64 -7.79 -23.84
N GLN C 152 35.05 -7.91 -25.10
CA GLN C 152 34.12 -8.30 -26.15
C GLN C 152 33.65 -9.73 -25.95
N ARG C 153 34.58 -10.62 -25.58
CA ARG C 153 34.23 -12.03 -25.41
C ARG C 153 33.18 -12.21 -24.32
N ILE C 154 33.27 -11.44 -23.23
CA ILE C 154 32.35 -11.59 -22.11
C ILE C 154 31.20 -10.60 -22.18
N GLY C 155 31.17 -9.74 -23.20
CA GLY C 155 30.08 -8.80 -23.39
C GLY C 155 29.90 -7.88 -22.20
N TYR C 156 30.98 -7.24 -21.76
CA TYR C 156 30.96 -6.37 -20.59
C TYR C 156 30.63 -4.94 -21.03
N GLY C 157 29.44 -4.46 -20.63
CA GLY C 157 29.02 -3.11 -20.95
C GLY C 157 29.08 -2.83 -22.43
N ASN C 158 29.50 -1.60 -22.77
CA ASN C 158 29.71 -1.22 -24.16
C ASN C 158 31.06 -1.68 -24.72
N MET C 159 31.92 -2.28 -23.91
CA MET C 159 33.15 -2.94 -24.35
C MET C 159 34.15 -1.98 -25.01
N GLN C 160 34.07 -0.68 -24.73
CA GLN C 160 34.99 0.30 -25.31
C GLN C 160 36.11 0.60 -24.32
N ILE C 161 37.36 0.60 -24.79
CA ILE C 161 38.49 0.91 -23.92
C ILE C 161 39.23 2.18 -24.31
N GLY C 162 38.89 2.82 -25.43
CA GLY C 162 39.66 4.00 -25.79
C GLY C 162 41.12 3.65 -26.02
N THR C 163 42.01 4.59 -25.70
CA THR C 163 43.43 4.39 -26.02
C THR C 163 44.32 4.27 -24.79
N GLU C 164 43.76 4.35 -23.59
CA GLU C 164 44.56 4.19 -22.38
C GLU C 164 44.04 2.97 -21.63
N VAL C 165 44.85 1.90 -21.64
CA VAL C 165 44.44 0.64 -21.08
C VAL C 165 44.32 0.70 -19.57
N ASP C 166 44.82 1.76 -18.92
CA ASP C 166 44.67 1.84 -17.46
C ASP C 166 43.77 2.99 -17.03
N GLN C 167 42.91 3.49 -17.92
CA GLN C 167 42.00 4.58 -17.57
C GLN C 167 40.57 4.38 -18.00
N PHE C 168 40.29 3.43 -18.90
CA PHE C 168 39.00 3.40 -19.57
C PHE C 168 37.85 3.15 -18.62
N TRP C 169 38.10 2.48 -17.48
CA TRP C 169 37.04 2.25 -16.49
C TRP C 169 36.93 3.40 -15.49
N LEU C 170 37.93 4.26 -15.42
CA LEU C 170 37.93 5.42 -14.54
C LEU C 170 37.44 6.69 -15.21
N LYS C 171 37.67 6.85 -16.51
CA LYS C 171 37.35 8.09 -17.20
C LYS C 171 36.39 7.89 -18.36
N GLY C 172 35.89 6.68 -18.55
CA GLY C 172 35.31 6.35 -19.84
C GLY C 172 36.41 5.97 -20.80
N PRO C 173 36.03 5.43 -21.96
CA PRO C 173 34.67 5.36 -22.52
C PRO C 173 33.89 4.11 -22.08
N LEU C 174 34.43 3.26 -21.21
CA LEU C 174 33.70 2.06 -20.82
C LEU C 174 32.51 2.42 -19.94
N THR C 175 31.32 1.98 -20.33
CA THR C 175 30.15 2.18 -19.49
C THR C 175 29.31 0.90 -19.46
N ILE C 176 28.54 0.77 -18.39
CA ILE C 176 27.75 -0.41 -18.12
C ILE C 176 26.51 0.02 -17.34
N THR C 177 25.39 -0.65 -17.57
CA THR C 177 24.20 -0.35 -16.78
C THR C 177 24.19 -1.14 -15.47
N PRO C 178 23.46 -0.64 -14.47
CA PRO C 178 23.28 -1.44 -13.25
C PRO C 178 22.66 -2.81 -13.52
N ILE C 179 21.74 -2.94 -14.51
CA ILE C 179 21.19 -4.25 -14.86
C ILE C 179 22.29 -5.16 -15.38
N GLN C 180 23.21 -4.61 -16.18
CA GLN C 180 24.32 -5.41 -16.68
C GLN C 180 25.25 -5.83 -15.54
N GLU C 181 25.60 -4.89 -14.65
CA GLU C 181 26.43 -5.24 -13.50
C GLU C 181 25.80 -6.37 -12.68
N VAL C 182 24.49 -6.31 -12.44
CA VAL C 182 23.86 -7.26 -11.52
C VAL C 182 23.85 -8.65 -12.13
N LYS C 183 23.64 -8.75 -13.47
CA LYS C 183 23.70 -10.05 -14.12
C LYS C 183 25.13 -10.56 -14.17
N PHE C 184 26.09 -9.65 -14.31
CA PHE C 184 27.49 -10.05 -14.34
C PHE C 184 27.89 -10.69 -13.01
N VAL C 185 27.68 -9.99 -11.89
CA VAL C 185 28.08 -10.56 -10.61
C VAL C 185 27.20 -11.73 -10.20
N TYR C 186 25.95 -11.79 -10.69
CA TYR C 186 25.17 -13.00 -10.46
C TYR C 186 25.87 -14.21 -11.06
N ASP C 187 26.25 -14.11 -12.34
CA ASP C 187 26.91 -15.23 -13.02
C ASP C 187 28.20 -15.61 -12.32
N LEU C 188 28.95 -14.62 -11.82
CA LEU C 188 30.15 -14.87 -11.04
C LEU C 188 29.83 -15.70 -9.80
N ALA C 189 28.81 -15.26 -9.04
CA ALA C 189 28.38 -15.99 -7.86
C ALA C 189 28.10 -17.46 -8.16
N GLN C 190 27.48 -17.75 -9.31
CA GLN C 190 27.10 -19.11 -9.68
C GLN C 190 28.17 -19.85 -10.47
N GLY C 191 29.31 -19.23 -10.73
CA GLY C 191 30.33 -19.90 -11.52
C GLY C 191 30.03 -19.97 -12.99
N GLN C 192 29.10 -19.16 -13.49
CA GLN C 192 28.58 -19.26 -14.84
C GLN C 192 29.24 -18.27 -15.80
N LEU C 193 30.16 -17.43 -15.33
CA LEU C 193 30.88 -16.56 -16.25
C LEU C 193 31.79 -17.41 -17.13
N PRO C 194 32.15 -16.92 -18.33
CA PRO C 194 33.07 -17.69 -19.22
C PRO C 194 34.54 -17.56 -18.82
N PHE C 195 34.85 -18.11 -17.66
CA PHE C 195 36.21 -18.15 -17.15
C PHE C 195 36.40 -19.51 -16.49
N LYS C 196 37.66 -19.91 -16.35
CA LYS C 196 37.98 -21.12 -15.60
C LYS C 196 37.28 -21.10 -14.24
N PRO C 197 36.72 -22.23 -13.81
CA PRO C 197 36.04 -22.26 -12.50
C PRO C 197 36.90 -21.81 -11.34
N GLU C 198 38.18 -22.19 -11.28
CA GLU C 198 38.94 -21.75 -10.13
C GLU C 198 39.33 -20.28 -10.23
N VAL C 199 39.34 -19.71 -11.43
CA VAL C 199 39.50 -18.26 -11.55
C VAL C 199 38.27 -17.55 -10.97
N GLN C 200 37.09 -18.06 -11.26
CA GLN C 200 35.88 -17.44 -10.73
C GLN C 200 35.80 -17.61 -9.23
N GLN C 201 36.24 -18.77 -8.72
CA GLN C 201 36.22 -18.98 -7.28
C GLN C 201 37.10 -17.97 -6.57
N GLN C 202 38.30 -17.74 -7.08
CA GLN C 202 39.24 -16.85 -6.40
C GLN C 202 38.75 -15.40 -6.42
N VAL C 203 38.27 -14.92 -7.56
CA VAL C 203 37.76 -13.54 -7.59
C VAL C 203 36.55 -13.42 -6.68
N LYS C 204 35.65 -14.41 -6.76
CA LYS C 204 34.48 -14.45 -5.90
C LYS C 204 34.87 -14.22 -4.44
N GLU C 205 35.81 -15.00 -3.93
CA GLU C 205 36.11 -14.84 -2.51
C GLU C 205 36.90 -13.57 -2.20
N MET C 206 37.54 -12.95 -3.21
CA MET C 206 38.09 -11.62 -2.98
C MET C 206 37.02 -10.61 -2.60
N LEU C 207 35.76 -10.87 -2.97
CA LEU C 207 34.66 -9.96 -2.71
C LEU C 207 33.94 -10.29 -1.40
N TYR C 208 34.38 -11.33 -0.69
CA TYR C 208 33.67 -11.74 0.53
C TYR C 208 33.75 -10.63 1.58
N VAL C 209 32.61 -10.28 2.15
CA VAL C 209 32.50 -9.22 3.15
C VAL C 209 32.17 -9.78 4.52
N GLU C 210 31.09 -10.54 4.62
CA GLU C 210 30.62 -10.97 5.92
C GLU C 210 29.59 -12.07 5.72
N ARG C 211 29.29 -12.74 6.84
CA ARG C 211 28.38 -13.86 6.88
C ARG C 211 27.47 -13.70 8.08
N ARG C 212 26.19 -14.02 7.90
CA ARG C 212 25.22 -14.07 9.00
C ARG C 212 24.57 -15.45 8.98
N GLY C 213 24.90 -16.27 9.97
CA GLY C 213 24.55 -17.67 9.86
C GLY C 213 25.34 -18.26 8.72
N GLU C 214 24.65 -18.89 7.77
CA GLU C 214 25.31 -19.35 6.56
C GLU C 214 24.91 -18.53 5.32
N ASN C 215 24.26 -17.38 5.50
CA ASN C 215 24.11 -16.43 4.40
C ASN C 215 25.37 -15.59 4.25
N ARG C 216 25.89 -15.49 3.03
CA ARG C 216 27.17 -14.82 2.81
C ARG C 216 26.97 -13.55 1.99
N LEU C 217 27.57 -12.45 2.44
CA LEU C 217 27.52 -11.20 1.69
C LEU C 217 28.84 -10.97 0.96
N TYR C 218 28.74 -10.72 -0.35
CA TYR C 218 29.86 -10.34 -1.21
C TYR C 218 29.54 -8.99 -1.82
N ALA C 219 30.56 -8.14 -2.02
CA ALA C 219 30.25 -6.80 -2.50
C ALA C 219 31.53 -6.10 -2.94
N LYS C 220 31.34 -5.08 -3.80
CA LYS C 220 32.42 -4.21 -4.22
C LYS C 220 31.85 -2.82 -4.39
N SER C 221 32.47 -1.84 -3.73
CA SER C 221 31.99 -0.46 -3.82
C SER C 221 32.65 0.26 -4.99
N GLY C 222 32.13 1.44 -5.31
CA GLY C 222 32.75 2.27 -6.32
C GLY C 222 32.29 3.70 -6.24
N TRP C 223 33.23 4.64 -6.35
CA TRP C 223 32.94 6.07 -6.42
C TRP C 223 33.74 6.62 -7.60
N GLY C 224 33.10 6.72 -8.75
CA GLY C 224 33.73 7.32 -9.91
C GLY C 224 33.74 8.83 -9.80
N MET C 225 34.88 9.41 -9.47
CA MET C 225 34.95 10.84 -9.28
C MET C 225 35.41 11.60 -10.52
N ALA C 226 35.98 10.91 -11.52
CA ALA C 226 36.54 11.62 -12.66
C ALA C 226 35.49 12.04 -13.68
N VAL C 227 34.27 11.50 -13.65
CA VAL C 227 33.25 11.85 -14.62
C VAL C 227 32.27 12.83 -14.01
N ASP C 228 31.44 13.43 -14.85
CA ASP C 228 30.40 14.36 -14.40
C ASP C 228 29.07 13.97 -15.06
N PRO C 229 28.04 13.66 -14.28
CA PRO C 229 28.03 13.62 -12.83
C PRO C 229 28.82 12.44 -12.27
N GLN C 230 29.21 12.55 -11.01
CA GLN C 230 29.87 11.45 -10.34
C GLN C 230 28.92 10.28 -10.12
N VAL C 231 29.47 9.05 -10.11
CA VAL C 231 28.67 7.83 -10.00
C VAL C 231 29.14 7.03 -8.79
N GLY C 232 28.17 6.50 -8.05
CA GLY C 232 28.46 5.64 -6.90
C GLY C 232 27.83 4.28 -7.08
N TRP C 233 28.59 3.24 -6.74
CA TRP C 233 28.15 1.86 -6.89
C TRP C 233 28.28 1.10 -5.58
N TYR C 234 27.43 0.09 -5.41
CA TYR C 234 27.65 -0.96 -4.42
C TYR C 234 26.99 -2.21 -4.99
N VAL C 235 27.81 -3.10 -5.53
CA VAL C 235 27.32 -4.25 -6.30
C VAL C 235 27.86 -5.53 -5.66
N GLY C 236 27.04 -6.57 -5.70
CA GLY C 236 27.46 -7.81 -5.06
C GLY C 236 26.31 -8.79 -5.06
N PHE C 237 26.37 -9.71 -4.11
CA PHE C 237 25.33 -10.71 -4.05
C PHE C 237 25.32 -11.32 -2.65
N VAL C 238 24.18 -11.90 -2.32
CA VAL C 238 24.00 -12.64 -1.08
C VAL C 238 23.73 -14.06 -1.49
N GLU C 239 24.58 -14.95 -1.02
CA GLU C 239 24.50 -16.38 -1.28
C GLU C 239 23.96 -17.05 -0.03
N LYS C 240 22.91 -17.83 -0.19
CA LYS C 240 22.34 -18.54 0.94
C LYS C 240 22.92 -19.94 1.02
N ALA C 241 22.64 -20.60 2.15
CA ALA C 241 23.27 -21.90 2.42
C ALA C 241 22.86 -22.94 1.37
N ASP C 242 21.59 -22.90 0.94
CA ASP C 242 21.08 -23.82 -0.08
C ASP C 242 21.73 -23.62 -1.43
N GLY C 243 22.39 -22.47 -1.65
CA GLY C 243 22.92 -22.13 -2.94
C GLY C 243 22.12 -21.12 -3.71
N GLN C 244 20.97 -20.68 -3.20
CA GLN C 244 20.20 -19.63 -3.87
C GLN C 244 20.91 -18.29 -3.70
N VAL C 245 20.99 -17.52 -4.78
CA VAL C 245 21.74 -16.28 -4.82
C VAL C 245 20.80 -15.13 -5.17
N VAL C 246 20.91 -14.03 -4.43
CA VAL C 246 20.32 -12.76 -4.89
C VAL C 246 21.46 -11.77 -5.11
N ALA C 247 21.64 -11.34 -6.35
CA ALA C 247 22.59 -10.28 -6.67
C ALA C 247 21.92 -8.92 -6.56
N PHE C 248 22.73 -7.90 -6.33
CA PHE C 248 22.19 -6.55 -6.20
C PHE C 248 23.18 -5.54 -6.77
N ALA C 249 22.64 -4.38 -7.17
CA ALA C 249 23.44 -3.24 -7.60
C ALA C 249 22.78 -1.95 -7.13
N LEU C 250 23.42 -1.29 -6.16
CA LEU C 250 23.12 0.12 -5.89
C LEU C 250 23.89 0.97 -6.88
N ASN C 251 23.20 1.95 -7.46
CA ASN C 251 23.82 2.94 -8.33
C ASN C 251 23.12 4.27 -8.08
N MET C 252 23.89 5.26 -7.65
CA MET C 252 23.32 6.58 -7.32
C MET C 252 24.27 7.69 -7.76
N GLN C 253 23.72 8.90 -7.93
CA GLN C 253 24.60 10.04 -8.12
C GLN C 253 25.37 10.33 -6.84
N MET C 254 26.64 10.69 -6.99
CA MET C 254 27.47 11.14 -5.89
C MET C 254 27.79 12.62 -6.07
N LYS C 255 28.06 13.30 -4.96
CA LYS C 255 28.52 14.68 -4.99
C LYS C 255 29.65 14.84 -3.98
N ALA C 256 30.54 15.80 -4.24
CA ALA C 256 31.59 16.11 -3.29
C ALA C 256 31.00 16.37 -1.91
N GLY C 257 31.54 15.67 -0.91
CA GLY C 257 31.10 15.85 0.46
C GLY C 257 30.10 14.83 0.93
N ASP C 258 29.74 13.86 0.08
CA ASP C 258 28.82 12.81 0.49
C ASP C 258 29.48 11.85 1.48
N ASP C 259 28.65 11.24 2.33
CA ASP C 259 29.15 10.26 3.29
C ASP C 259 29.58 9.00 2.56
N ILE C 260 30.86 8.63 2.73
CA ILE C 260 31.43 7.46 2.06
C ILE C 260 30.74 6.17 2.50
N ALA C 261 30.19 6.13 3.71
CA ALA C 261 29.62 4.90 4.25
C ALA C 261 28.20 4.65 3.80
N LEU C 262 27.58 5.59 3.08
CA LEU C 262 26.14 5.53 2.87
C LEU C 262 25.73 4.45 1.86
N ARG C 263 26.51 4.28 0.80
CA ARG C 263 26.22 3.22 -0.17
C ARG C 263 26.05 1.88 0.53
N LYS C 264 27.05 1.45 1.31
CA LYS C 264 26.95 0.15 1.98
C LYS C 264 25.80 0.15 2.99
N GLN C 265 25.72 1.19 3.82
CA GLN C 265 24.70 1.20 4.87
C GLN C 265 23.29 1.14 4.27
N LEU C 266 23.06 1.88 3.19
CA LEU C 266 21.77 1.85 2.50
C LEU C 266 21.50 0.48 1.90
N SER C 267 22.47 -0.10 1.26
CA SER C 267 22.35 -1.43 0.65
C SER C 267 22.01 -2.50 1.73
N LEU C 268 22.67 -2.48 2.88
CA LEU C 268 22.35 -3.45 3.93
C LEU C 268 20.94 -3.20 4.43
N ASP C 269 20.54 -1.94 4.54
CA ASP C 269 19.18 -1.63 4.98
C ASP C 269 18.19 -2.20 3.98
N VAL C 270 18.49 -2.08 2.70
CA VAL C 270 17.56 -2.55 1.65
C VAL C 270 17.49 -4.07 1.66
N LEU C 271 18.65 -4.69 1.82
CA LEU C 271 18.68 -6.15 1.83
C LEU C 271 17.96 -6.72 3.04
N ASP C 272 17.93 -5.96 4.13
CA ASP C 272 17.21 -6.40 5.31
C ASP C 272 15.71 -6.29 5.12
N LYS C 273 15.24 -5.15 4.60
CA LYS C 273 13.81 -5.01 4.36
C LYS C 273 13.31 -5.98 3.31
N LEU C 274 14.17 -6.37 2.36
CA LEU C 274 13.75 -7.37 1.38
C LEU C 274 13.72 -8.79 1.97
N GLY C 275 14.25 -9.00 3.17
CA GLY C 275 14.44 -10.36 3.69
C GLY C 275 15.56 -11.14 3.03
N VAL C 276 16.39 -10.49 2.22
CA VAL C 276 17.50 -11.18 1.57
C VAL C 276 18.65 -11.38 2.57
N PHE C 277 18.91 -10.38 3.41
CA PHE C 277 20.02 -10.40 4.35
C PHE C 277 19.55 -9.70 5.62
N HIS C 278 18.85 -10.44 6.48
CA HIS C 278 18.31 -9.87 7.70
C HIS C 278 19.42 -9.40 8.62
N TYR C 279 19.18 -8.29 9.30
CA TYR C 279 20.05 -7.94 10.41
C TYR C 279 19.99 -9.02 11.48
N LEU C 280 21.07 -9.13 12.24
CA LEU C 280 21.12 -10.07 13.34
C LEU C 280 20.46 -9.50 14.59
N ASN D 36 4.66 5.62 17.69
CA ASN D 36 5.13 4.29 18.08
C ASN D 36 4.73 4.01 19.51
N ASN D 37 3.63 3.26 19.65
CA ASN D 37 3.04 3.06 20.96
C ASN D 37 3.84 2.08 21.81
N SER D 38 4.65 1.20 21.21
CA SER D 38 5.47 0.33 22.04
C SER D 38 6.38 1.15 22.94
N ILE D 39 7.19 2.03 22.35
CA ILE D 39 8.09 2.88 23.14
C ILE D 39 7.30 3.78 24.09
N ILE D 40 6.19 4.34 23.62
CA ILE D 40 5.33 5.13 24.52
C ILE D 40 4.93 4.28 25.71
N ASP D 41 4.54 3.03 25.48
CA ASP D 41 4.11 2.17 26.58
C ASP D 41 5.27 1.89 27.53
N GLN D 42 6.49 1.76 27.00
CA GLN D 42 7.65 1.58 27.86
C GLN D 42 7.89 2.80 28.72
N ASN D 43 7.74 4.01 28.15
CA ASN D 43 7.94 5.22 28.93
C ASN D 43 6.94 5.33 30.06
N VAL D 44 5.67 4.96 29.82
CA VAL D 44 4.67 5.06 30.87
C VAL D 44 5.03 4.16 32.04
N GLN D 45 5.41 2.92 31.74
CA GLN D 45 5.79 1.98 32.78
C GLN D 45 6.86 2.56 33.69
N ALA D 46 7.87 3.23 33.11
CA ALA D 46 8.99 3.73 33.92
C ALA D 46 8.52 4.71 34.99
N LEU D 47 7.43 5.43 34.74
CA LEU D 47 6.87 6.29 35.78
C LEU D 47 6.58 5.50 37.05
N PHE D 48 6.16 4.24 36.90
CA PHE D 48 5.80 3.41 38.04
C PHE D 48 7.01 2.79 38.74
N ASN D 49 8.20 2.94 38.19
CA ASN D 49 9.40 2.42 38.85
C ASN D 49 9.67 3.11 40.17
N GLU D 50 9.17 4.33 40.36
CA GLU D 50 9.35 5.06 41.61
C GLU D 50 8.13 5.01 42.51
N ILE D 51 7.19 4.11 42.25
CA ILE D 51 6.00 3.94 43.06
C ILE D 51 6.07 2.58 43.74
N SER D 52 6.13 2.60 45.08
CA SER D 52 6.17 1.34 45.82
C SER D 52 4.82 0.63 45.78
N ALA D 53 3.73 1.38 46.01
CA ALA D 53 2.39 0.82 46.14
C ALA D 53 1.95 0.03 44.90
N ASP D 54 1.18 -1.02 45.13
CA ASP D 54 0.49 -1.69 44.04
C ASP D 54 -0.47 -0.72 43.36
N ALA D 55 -0.40 -0.65 42.04
CA ALA D 55 -1.11 0.40 41.32
C ALA D 55 -1.38 -0.07 39.89
N VAL D 56 -2.53 0.30 39.36
CA VAL D 56 -2.87 0.06 37.96
C VAL D 56 -3.50 1.31 37.37
N PHE D 57 -3.23 1.56 36.10
CA PHE D 57 -3.78 2.68 35.36
C PHE D 57 -4.41 2.10 34.10
N VAL D 58 -5.73 2.16 34.01
CA VAL D 58 -6.48 1.63 32.88
C VAL D 58 -6.90 2.78 31.98
N THR D 59 -6.83 2.57 30.67
CA THR D 59 -7.42 3.51 29.72
C THR D 59 -8.42 2.80 28.82
N TYR D 60 -9.34 3.59 28.27
CA TYR D 60 -10.40 3.11 27.41
C TYR D 60 -10.76 4.22 26.45
N ASP D 61 -10.76 3.92 25.15
CA ASP D 61 -11.06 4.87 24.10
C ASP D 61 -12.39 4.57 23.40
N GLY D 62 -13.24 3.77 24.03
CA GLY D 62 -14.43 3.30 23.35
C GLY D 62 -14.31 1.85 22.91
N GLN D 63 -13.13 1.48 22.39
CA GLN D 63 -12.90 0.14 21.84
C GLN D 63 -11.98 -0.70 22.72
N ASN D 64 -10.74 -0.27 22.95
CA ASN D 64 -9.73 -1.11 23.59
C ASN D 64 -9.43 -0.64 25.00
N ILE D 65 -9.39 -1.58 25.94
CA ILE D 65 -8.84 -1.40 27.27
C ILE D 65 -7.31 -1.52 27.21
N LYS D 66 -6.60 -0.68 27.96
CA LYS D 66 -5.16 -0.79 28.09
C LYS D 66 -4.78 -0.62 29.56
N LYS D 67 -3.77 -1.40 30.00
CA LYS D 67 -3.37 -1.50 31.40
C LYS D 67 -1.90 -1.12 31.56
N TYR D 68 -1.61 -0.24 32.51
CA TYR D 68 -0.25 0.13 32.92
C TYR D 68 -0.17 0.06 34.44
N GLY D 69 1.05 0.04 34.97
CA GLY D 69 1.22 0.13 36.41
C GLY D 69 2.09 -0.99 36.96
N THR D 70 2.13 -1.09 38.28
CA THR D 70 2.96 -2.10 38.94
C THR D 70 2.21 -3.38 39.31
N HIS D 71 0.88 -3.38 39.32
CA HIS D 71 0.14 -4.63 39.53
C HIS D 71 -1.05 -4.62 38.60
N LEU D 72 -0.90 -5.25 37.44
CA LEU D 72 -1.93 -5.16 36.41
C LEU D 72 -3.21 -5.88 36.81
N ASP D 73 -3.11 -7.00 37.56
CA ASP D 73 -4.30 -7.72 37.98
C ASP D 73 -5.27 -6.84 38.75
N ARG D 74 -4.81 -5.70 39.28
CA ARG D 74 -5.74 -4.77 39.93
C ARG D 74 -6.87 -4.35 38.98
N ALA D 75 -6.59 -4.33 37.67
CA ALA D 75 -7.57 -3.81 36.72
C ALA D 75 -8.85 -4.65 36.71
N LYS D 76 -8.73 -5.94 36.97
CA LYS D 76 -9.90 -6.81 37.06
C LYS D 76 -10.27 -7.17 38.49
N THR D 77 -9.68 -6.53 39.48
CA THR D 77 -10.06 -6.73 40.88
C THR D 77 -11.11 -5.70 41.29
N ALA D 78 -12.10 -6.15 42.08
CA ALA D 78 -13.19 -5.25 42.48
C ALA D 78 -12.89 -4.63 43.85
N TYR D 79 -13.07 -3.32 43.95
CA TYR D 79 -12.85 -2.57 45.18
C TYR D 79 -14.06 -1.69 45.44
N ILE D 80 -14.22 -1.28 46.70
CA ILE D 80 -15.30 -0.32 46.95
C ILE D 80 -15.07 0.92 46.11
N PRO D 81 -16.12 1.53 45.55
CA PRO D 81 -15.92 2.75 44.76
C PRO D 81 -15.53 3.96 45.59
N ALA D 82 -15.76 3.90 46.90
CA ALA D 82 -15.61 5.07 47.78
C ALA D 82 -16.21 6.32 47.14
N SER D 83 -15.50 7.45 47.22
CA SER D 83 -16.09 8.73 46.77
C SER D 83 -16.35 8.79 45.27
N THR D 84 -15.77 7.89 44.46
CA THR D 84 -16.13 7.85 43.04
C THR D 84 -17.60 7.49 42.83
N PHE D 85 -18.25 6.84 43.80
CA PHE D 85 -19.67 6.53 43.67
C PHE D 85 -20.53 7.79 43.57
N LYS D 86 -20.01 8.95 44.02
CA LYS D 86 -20.76 10.21 43.88
C LYS D 86 -21.27 10.41 42.46
N ILE D 87 -20.47 10.04 41.45
CA ILE D 87 -20.90 10.17 40.07
C ILE D 87 -22.20 9.43 39.84
N ALA D 88 -22.27 8.17 40.28
CA ALA D 88 -23.47 7.37 40.13
C ALA D 88 -24.59 7.89 41.02
N ASN D 89 -24.27 8.21 42.28
CA ASN D 89 -25.26 8.75 43.20
C ASN D 89 -25.92 9.99 42.61
N ALA D 90 -25.11 10.89 42.04
CA ALA D 90 -25.65 12.13 41.49
C ALA D 90 -26.55 11.86 40.30
N LEU D 91 -26.17 10.91 39.44
CA LEU D 91 -26.99 10.60 38.27
C LEU D 91 -28.33 10.02 38.69
N ILE D 92 -28.32 9.10 39.65
CA ILE D 92 -29.56 8.50 40.12
C ILE D 92 -30.44 9.55 40.77
N GLY D 93 -29.86 10.41 41.62
CA GLY D 93 -30.64 11.43 42.30
C GLY D 93 -31.31 12.39 41.34
N LEU D 94 -30.57 12.88 40.34
CA LEU D 94 -31.14 13.82 39.39
C LEU D 94 -32.13 13.15 38.45
N GLU D 95 -31.80 11.94 37.97
CA GLU D 95 -32.70 11.19 37.10
C GLU D 95 -34.07 11.00 37.74
N ASN D 96 -34.10 10.64 39.02
CA ASN D 96 -35.32 10.24 39.73
C ASN D 96 -35.92 11.38 40.55
N HIS D 97 -35.62 12.64 40.21
CA HIS D 97 -36.25 13.80 40.82
C HIS D 97 -36.13 13.79 42.35
N LYS D 98 -34.98 13.35 42.85
CA LYS D 98 -34.73 13.40 44.27
C LYS D 98 -33.89 14.62 44.68
N ALA D 99 -33.17 15.21 43.72
CA ALA D 99 -32.48 16.48 43.89
C ALA D 99 -32.39 17.17 42.53
N THR D 100 -32.01 18.45 42.56
CA THR D 100 -31.64 19.20 41.38
C THR D 100 -30.20 19.68 41.56
N SER D 101 -29.61 20.16 40.46
CA SER D 101 -28.26 20.70 40.51
C SER D 101 -28.22 22.14 41.02
N THR D 102 -29.37 22.80 41.12
CA THR D 102 -29.43 24.11 41.73
C THR D 102 -29.83 24.06 43.20
N GLU D 103 -30.62 23.06 43.60
CA GLU D 103 -31.00 22.91 45.00
C GLU D 103 -29.77 22.92 45.90
N ILE D 104 -29.93 23.51 47.05
CA ILE D 104 -28.85 23.60 48.07
C ILE D 104 -29.14 22.69 49.27
N PHE D 105 -28.19 21.85 49.60
CA PHE D 105 -28.29 20.87 50.72
C PHE D 105 -27.77 21.71 51.87
N LYS D 106 -28.54 21.76 52.95
CA LYS D 106 -28.18 22.74 53.99
C LYS D 106 -27.45 22.14 55.18
N TRP D 107 -26.47 22.88 55.69
CA TRP D 107 -25.74 22.41 56.87
C TRP D 107 -26.62 22.49 58.08
N ASP D 108 -26.77 21.40 58.79
CA ASP D 108 -27.69 21.32 59.94
C ASP D 108 -27.08 22.10 61.09
N GLY D 109 -25.85 22.50 60.93
CA GLY D 109 -25.14 23.20 62.00
C GLY D 109 -24.23 22.23 62.73
N LYS D 110 -24.68 20.98 62.87
CA LYS D 110 -23.86 19.94 63.54
C LYS D 110 -22.52 19.80 62.81
N PRO D 111 -21.39 19.87 63.51
CA PRO D 111 -20.14 19.85 62.82
C PRO D 111 -19.86 18.50 62.15
N ARG D 112 -19.09 18.52 61.08
CA ARG D 112 -18.86 17.31 60.27
C ARG D 112 -17.36 16.99 60.28
N PHE D 113 -16.91 15.88 59.72
CA PHE D 113 -15.51 15.39 59.82
C PHE D 113 -14.51 16.43 59.36
N PHE D 114 -14.96 17.40 58.60
CA PHE D 114 -14.02 18.36 58.02
C PHE D 114 -14.75 19.70 58.06
N LYS D 115 -14.08 20.67 58.61
CA LYS D 115 -14.66 22.02 58.70
C LYS D 115 -15.01 22.51 57.30
N ALA D 116 -14.48 21.86 56.28
CA ALA D 116 -14.74 22.38 54.94
C ALA D 116 -16.07 21.78 54.51
N TRP D 117 -16.57 20.86 55.31
CA TRP D 117 -17.84 20.25 54.96
C TRP D 117 -18.92 20.93 55.77
N ASP D 118 -18.46 21.84 56.59
CA ASP D 118 -19.42 22.53 57.47
C ASP D 118 -19.91 23.74 56.69
N LYS D 119 -20.79 23.55 55.73
CA LYS D 119 -21.32 24.62 54.89
C LYS D 119 -22.48 24.13 54.06
N ASP D 120 -23.10 25.03 53.32
CA ASP D 120 -24.14 24.67 52.37
C ASP D 120 -23.52 24.34 51.02
N PHE D 121 -24.07 23.32 50.36
CA PHE D 121 -23.53 22.85 49.09
C PHE D 121 -24.66 22.61 48.11
N THR D 122 -24.39 22.91 46.83
CA THR D 122 -25.13 22.23 45.78
C THR D 122 -24.50 20.87 45.56
N LEU D 123 -25.14 20.04 44.74
CA LEU D 123 -24.53 18.76 44.38
C LEU D 123 -23.15 18.97 43.77
N GLY D 124 -23.05 19.91 42.82
CA GLY D 124 -21.78 20.13 42.14
C GLY D 124 -20.70 20.65 43.06
N GLU D 125 -21.04 21.62 43.91
CA GLU D 125 -20.07 22.08 44.91
C GLU D 125 -19.63 20.91 45.77
N ALA D 126 -20.59 20.17 46.31
CA ALA D 126 -20.28 18.98 47.10
C ALA D 126 -19.44 17.99 46.29
N MET D 127 -19.71 17.85 45.00
CA MET D 127 -18.87 16.98 44.18
C MET D 127 -17.42 17.43 44.22
N GLN D 128 -17.20 18.75 44.10
CA GLN D 128 -15.85 19.31 44.11
C GLN D 128 -15.19 19.11 45.48
N ALA D 129 -15.89 19.43 46.55
CA ALA D 129 -15.36 19.28 47.90
C ALA D 129 -15.44 17.84 48.40
N SER D 130 -16.03 16.94 47.62
CA SER D 130 -16.28 15.55 48.02
C SER D 130 -16.96 15.47 49.38
N THR D 131 -17.98 16.30 49.58
CA THR D 131 -18.70 16.35 50.85
C THR D 131 -19.57 15.11 50.99
N VAL D 132 -19.06 14.14 51.75
CA VAL D 132 -19.79 12.86 51.92
C VAL D 132 -21.18 13.06 52.52
N PRO D 133 -21.38 13.87 53.58
CA PRO D 133 -22.72 13.93 54.18
C PRO D 133 -23.80 14.41 53.24
N VAL D 134 -23.48 15.28 52.28
CA VAL D 134 -24.46 15.68 51.28
C VAL D 134 -24.89 14.47 50.45
N TYR D 135 -23.92 13.70 49.96
CA TYR D 135 -24.25 12.54 49.15
C TYR D 135 -24.86 11.41 49.96
N GLN D 136 -24.58 11.35 51.27
CA GLN D 136 -25.30 10.42 52.14
C GLN D 136 -26.76 10.84 52.29
N GLU D 137 -27.03 12.13 52.46
CA GLU D 137 -28.43 12.56 52.49
C GLU D 137 -29.12 12.26 51.16
N LEU D 138 -28.42 12.47 50.05
CA LEU D 138 -29.00 12.13 48.76
C LEU D 138 -29.37 10.66 48.68
N ALA D 139 -28.48 9.78 49.16
CA ALA D 139 -28.76 8.34 49.10
C ALA D 139 -29.96 7.97 49.97
N ARG D 140 -30.11 8.65 51.12
CA ARG D 140 -31.28 8.41 51.96
C ARG D 140 -32.55 8.94 51.31
N ARG D 141 -32.46 10.04 50.53
CA ARG D 141 -33.61 10.47 49.75
C ARG D 141 -33.99 9.41 48.73
N ILE D 142 -32.98 8.80 48.08
CA ILE D 142 -33.24 7.81 47.05
C ILE D 142 -33.94 6.59 47.64
N GLY D 143 -33.51 6.15 48.83
CA GLY D 143 -34.08 4.97 49.44
C GLY D 143 -33.42 3.71 48.92
N PRO D 144 -33.41 2.65 49.72
CA PRO D 144 -32.66 1.44 49.32
C PRO D 144 -33.31 0.74 48.16
N SER D 145 -34.63 0.75 48.06
CA SER D 145 -35.31 0.05 46.99
C SER D 145 -34.98 0.65 45.63
N LEU D 146 -35.16 1.96 45.49
CA LEU D 146 -34.80 2.63 44.24
C LEU D 146 -33.31 2.56 43.97
N MET D 147 -32.49 2.79 45.00
CA MET D 147 -31.04 2.69 44.80
C MET D 147 -30.68 1.34 44.21
N GLN D 148 -31.21 0.26 44.81
CA GLN D 148 -30.92 -1.09 44.34
C GLN D 148 -31.34 -1.29 42.89
N SER D 149 -32.59 -0.95 42.57
CA SER D 149 -33.07 -1.18 41.21
C SER D 149 -32.33 -0.32 40.19
N GLU D 150 -31.85 0.85 40.61
CA GLU D 150 -31.14 1.72 39.68
C GLU D 150 -29.74 1.18 39.38
N LEU D 151 -29.04 0.73 40.41
CA LEU D 151 -27.72 0.12 40.21
C LEU D 151 -27.82 -1.14 39.36
N GLN D 152 -28.88 -1.93 39.59
CA GLN D 152 -29.13 -3.06 38.72
C GLN D 152 -29.42 -2.59 37.29
N ARG D 153 -30.25 -1.57 37.15
CA ARG D 153 -30.65 -1.11 35.82
C ARG D 153 -29.43 -0.71 34.98
N ILE D 154 -28.45 -0.05 35.60
CA ILE D 154 -27.27 0.43 34.89
C ILE D 154 -26.08 -0.51 35.06
N GLY D 155 -26.25 -1.63 35.75
CA GLY D 155 -25.18 -2.60 35.90
C GLY D 155 -23.90 -2.00 36.46
N TYR D 156 -24.00 -1.33 37.60
CA TYR D 156 -22.85 -0.71 38.25
C TYR D 156 -22.20 -1.73 39.21
N GLY D 157 -20.96 -2.10 38.92
CA GLY D 157 -20.22 -3.03 39.77
C GLY D 157 -21.00 -4.29 40.07
N ASN D 158 -20.91 -4.75 41.32
CA ASN D 158 -21.66 -5.93 41.74
C ASN D 158 -23.09 -5.59 42.21
N MET D 159 -23.50 -4.33 42.12
CA MET D 159 -24.90 -3.94 42.29
C MET D 159 -25.45 -4.26 43.69
N GLN D 160 -24.59 -4.32 44.71
CA GLN D 160 -24.97 -4.74 46.06
C GLN D 160 -24.91 -3.59 47.04
N ILE D 161 -25.93 -3.45 47.87
CA ILE D 161 -26.02 -2.28 48.74
C ILE D 161 -26.23 -2.67 50.20
N GLY D 162 -26.50 -3.94 50.45
CA GLY D 162 -26.68 -4.37 51.82
C GLY D 162 -27.82 -3.63 52.49
N THR D 163 -27.61 -3.27 53.76
CA THR D 163 -28.68 -2.78 54.61
C THR D 163 -28.59 -1.30 54.95
N GLU D 164 -27.47 -0.65 54.66
CA GLU D 164 -27.26 0.74 55.01
C GLU D 164 -27.14 1.55 53.72
N VAL D 165 -28.22 2.29 53.40
CA VAL D 165 -28.34 2.97 52.12
C VAL D 165 -27.33 4.10 52.00
N ASP D 166 -26.80 4.62 53.11
CA ASP D 166 -25.82 5.69 53.04
C ASP D 166 -24.42 5.23 53.43
N GLN D 167 -24.14 3.93 53.34
CA GLN D 167 -22.82 3.41 53.67
C GLN D 167 -22.26 2.40 52.67
N PHE D 168 -23.09 1.82 51.79
CA PHE D 168 -22.67 0.65 51.01
C PHE D 168 -21.48 0.96 50.11
N TRP D 169 -21.31 2.20 49.68
CA TRP D 169 -20.17 2.54 48.84
C TRP D 169 -18.93 2.93 49.64
N LEU D 170 -19.06 3.08 50.95
CA LEU D 170 -17.94 3.43 51.81
C LEU D 170 -17.37 2.25 52.59
N LYS D 171 -18.20 1.26 52.93
CA LYS D 171 -17.78 0.11 53.70
C LYS D 171 -17.92 -1.21 52.95
N GLY D 172 -18.37 -1.20 51.70
CA GLY D 172 -18.94 -2.37 51.07
C GLY D 172 -20.41 -2.45 51.40
N PRO D 173 -21.13 -3.41 50.82
CA PRO D 173 -20.69 -4.49 49.92
C PRO D 173 -20.53 -4.09 48.46
N LEU D 174 -20.81 -2.85 48.05
CA LEU D 174 -20.66 -2.48 46.66
C LEU D 174 -19.20 -2.43 46.29
N THR D 175 -18.83 -3.14 45.23
CA THR D 175 -17.49 -3.12 44.68
C THR D 175 -17.57 -2.98 43.17
N ILE D 176 -16.48 -2.51 42.57
CA ILE D 176 -16.41 -2.28 41.14
C ILE D 176 -14.96 -2.41 40.70
N THR D 177 -14.75 -3.01 39.53
CA THR D 177 -13.37 -3.08 39.05
C THR D 177 -12.98 -1.77 38.36
N PRO D 178 -11.68 -1.53 38.26
CA PRO D 178 -11.22 -0.35 37.51
C PRO D 178 -11.64 -0.37 36.06
N ILE D 179 -11.81 -1.56 35.48
CA ILE D 179 -12.30 -1.63 34.09
C ILE D 179 -13.74 -1.15 34.02
N GLN D 180 -14.58 -1.61 34.94
CA GLN D 180 -15.96 -1.14 34.96
C GLN D 180 -16.02 0.36 35.15
N GLU D 181 -15.25 0.89 36.11
CA GLU D 181 -15.21 2.32 36.34
C GLU D 181 -14.83 3.08 35.07
N VAL D 182 -13.81 2.60 34.36
CA VAL D 182 -13.35 3.34 33.20
C VAL D 182 -14.42 3.31 32.12
N LYS D 183 -15.11 2.18 31.97
CA LYS D 183 -16.16 2.11 30.96
C LYS D 183 -17.36 2.93 31.39
N PHE D 184 -17.58 3.04 32.71
CA PHE D 184 -18.70 3.82 33.23
C PHE D 184 -18.53 5.31 32.92
N VAL D 185 -17.37 5.87 33.27
CA VAL D 185 -17.13 7.29 32.97
C VAL D 185 -16.95 7.53 31.49
N TYR D 186 -16.55 6.53 30.70
CA TYR D 186 -16.50 6.74 29.26
C TYR D 186 -17.88 7.03 28.69
N ASP D 187 -18.86 6.19 29.04
CA ASP D 187 -20.24 6.42 28.61
C ASP D 187 -20.75 7.78 29.05
N LEU D 188 -20.43 8.18 30.29
CA LEU D 188 -20.88 9.47 30.79
C LEU D 188 -20.34 10.61 29.92
N ALA D 189 -19.03 10.59 29.64
CA ALA D 189 -18.44 11.62 28.78
C ALA D 189 -19.15 11.71 27.45
N GLN D 190 -19.56 10.57 26.89
CA GLN D 190 -20.22 10.52 25.60
C GLN D 190 -21.73 10.65 25.70
N GLY D 191 -22.28 10.69 26.91
CA GLY D 191 -23.72 10.77 27.06
C GLY D 191 -24.47 9.47 26.76
N GLN D 192 -23.77 8.34 26.77
CA GLN D 192 -24.37 7.06 26.43
C GLN D 192 -24.83 6.28 27.66
N LEU D 193 -24.83 6.91 28.83
CA LEU D 193 -25.36 6.22 30.01
C LEU D 193 -26.89 6.25 29.97
N PRO D 194 -27.54 5.24 30.55
CA PRO D 194 -29.01 5.21 30.55
C PRO D 194 -29.61 6.27 31.47
N PHE D 195 -29.38 7.54 31.12
CA PHE D 195 -29.85 8.66 31.91
C PHE D 195 -30.21 9.78 30.94
N LYS D 196 -31.08 10.68 31.38
CA LYS D 196 -31.48 11.79 30.52
C LYS D 196 -30.25 12.62 30.11
N PRO D 197 -30.22 13.14 28.87
CA PRO D 197 -29.03 13.91 28.44
C PRO D 197 -28.67 15.07 29.35
N GLU D 198 -29.66 15.84 29.81
CA GLU D 198 -29.37 16.96 30.70
C GLU D 198 -28.82 16.48 32.04
N VAL D 199 -29.24 15.30 32.50
CA VAL D 199 -28.71 14.77 33.75
C VAL D 199 -27.24 14.41 33.57
N GLN D 200 -26.92 13.71 32.47
CA GLN D 200 -25.53 13.36 32.19
C GLN D 200 -24.68 14.61 31.98
N GLN D 201 -25.19 15.58 31.21
CA GLN D 201 -24.45 16.83 31.04
C GLN D 201 -24.16 17.48 32.39
N GLN D 202 -25.16 17.53 33.26
CA GLN D 202 -24.98 18.18 34.56
C GLN D 202 -23.96 17.46 35.42
N VAL D 203 -24.07 16.13 35.52
CA VAL D 203 -23.10 15.37 36.31
C VAL D 203 -21.71 15.49 35.69
N LYS D 204 -21.64 15.50 34.36
CA LYS D 204 -20.36 15.61 33.66
C LYS D 204 -19.60 16.87 34.06
N GLU D 205 -20.24 18.05 33.96
CA GLU D 205 -19.48 19.27 34.24
C GLU D 205 -19.18 19.45 35.74
N MET D 206 -19.88 18.75 36.63
CA MET D 206 -19.47 18.75 38.03
C MET D 206 -18.06 18.19 38.18
N LEU D 207 -17.63 17.33 37.26
CA LEU D 207 -16.33 16.70 37.32
C LEU D 207 -15.27 17.47 36.56
N TYR D 208 -15.59 18.63 36.00
CA TYR D 208 -14.60 19.36 35.22
C TYR D 208 -13.46 19.83 36.12
N VAL D 209 -12.24 19.59 35.67
CA VAL D 209 -11.03 19.97 36.41
C VAL D 209 -10.32 21.13 35.74
N GLU D 210 -9.91 20.95 34.48
CA GLU D 210 -9.12 21.96 33.79
C GLU D 210 -9.15 21.67 32.30
N ARG D 211 -8.76 22.66 31.50
CA ARG D 211 -8.53 22.46 30.09
C ARG D 211 -7.13 22.93 29.72
N ARG D 212 -6.62 22.35 28.63
CA ARG D 212 -5.37 22.80 28.01
C ARG D 212 -5.61 22.82 26.51
N GLY D 213 -5.69 24.00 25.93
CA GLY D 213 -6.09 24.07 24.54
C GLY D 213 -7.54 23.67 24.42
N GLU D 214 -7.83 22.76 23.51
CA GLU D 214 -9.18 22.22 23.39
C GLU D 214 -9.34 20.85 24.05
N ASN D 215 -8.37 20.45 24.88
CA ASN D 215 -8.47 19.25 25.68
C ASN D 215 -9.07 19.59 27.04
N ARG D 216 -10.10 18.85 27.44
CA ARG D 216 -10.73 19.03 28.74
C ARG D 216 -10.47 17.81 29.60
N LEU D 217 -10.05 18.05 30.84
CA LEU D 217 -9.83 17.00 31.83
C LEU D 217 -10.93 17.01 32.88
N TYR D 218 -11.63 15.88 33.01
CA TYR D 218 -12.65 15.65 34.03
C TYR D 218 -12.18 14.50 34.91
N ALA D 219 -12.42 14.58 36.22
CA ALA D 219 -11.87 13.56 37.10
C ALA D 219 -12.55 13.63 38.46
N LYS D 220 -12.54 12.49 39.15
CA LYS D 220 -13.01 12.37 40.52
C LYS D 220 -12.08 11.46 41.31
N SER D 221 -11.60 11.94 42.44
CA SER D 221 -10.69 11.16 43.26
C SER D 221 -11.47 10.34 44.29
N GLY D 222 -10.78 9.39 44.89
CA GLY D 222 -11.37 8.58 45.95
C GLY D 222 -10.31 7.96 46.84
N TRP D 223 -10.55 7.96 48.15
CA TRP D 223 -9.69 7.31 49.13
C TRP D 223 -10.61 6.57 50.10
N GLY D 224 -10.80 5.27 49.86
CA GLY D 224 -11.59 4.43 50.74
C GLY D 224 -10.80 3.97 51.96
N MET D 225 -11.01 4.62 53.09
CA MET D 225 -10.27 4.33 54.32
C MET D 225 -10.98 3.35 55.24
N ALA D 226 -12.25 3.06 55.01
CA ALA D 226 -12.97 2.18 55.92
C ALA D 226 -12.73 0.70 55.64
N VAL D 227 -12.04 0.37 54.54
CA VAL D 227 -11.75 -1.02 54.24
C VAL D 227 -10.25 -1.28 54.35
N ASP D 228 -9.90 -2.56 54.43
CA ASP D 228 -8.51 -2.99 54.52
C ASP D 228 -8.33 -4.09 53.49
N PRO D 229 -7.43 -3.93 52.52
CA PRO D 229 -6.57 -2.75 52.32
C PRO D 229 -7.33 -1.51 51.79
N GLN D 230 -6.87 -0.32 52.18
CA GLN D 230 -7.48 0.91 51.71
C GLN D 230 -7.24 1.09 50.22
N VAL D 231 -8.18 1.76 49.55
CA VAL D 231 -8.17 1.83 48.10
C VAL D 231 -8.15 3.29 47.66
N GLY D 232 -7.24 3.62 46.75
CA GLY D 232 -7.18 4.95 46.18
C GLY D 232 -7.57 5.03 44.72
N TRP D 233 -8.43 5.99 44.38
CA TRP D 233 -8.99 6.13 43.04
C TRP D 233 -8.64 7.48 42.43
N TYR D 234 -8.35 7.49 41.12
CA TYR D 234 -8.43 8.70 40.33
C TYR D 234 -9.01 8.32 38.97
N VAL D 235 -10.29 8.64 38.75
CA VAL D 235 -11.02 8.22 37.56
C VAL D 235 -11.51 9.45 36.84
N GLY D 236 -11.52 9.38 35.51
CA GLY D 236 -12.02 10.50 34.72
C GLY D 236 -11.82 10.25 33.25
N PHE D 237 -11.67 11.35 32.52
CA PHE D 237 -11.46 11.25 31.08
C PHE D 237 -10.90 12.56 30.54
N VAL D 238 -10.39 12.49 29.34
CA VAL D 238 -9.85 13.66 28.65
C VAL D 238 -10.64 13.77 27.37
N GLU D 239 -11.21 14.94 27.14
CA GLU D 239 -12.05 15.20 25.97
C GLU D 239 -11.36 16.22 25.09
N LYS D 240 -11.14 15.86 23.86
CA LYS D 240 -10.60 16.79 22.84
C LYS D 240 -11.80 17.30 22.05
N ALA D 241 -11.78 18.56 21.66
CA ALA D 241 -12.91 19.21 20.97
C ALA D 241 -13.24 18.42 19.71
N ASP D 242 -12.26 17.74 19.12
CA ASP D 242 -12.55 16.78 18.03
C ASP D 242 -13.77 15.96 18.44
N GLY D 243 -13.65 15.27 19.56
CA GLY D 243 -14.83 14.60 20.10
C GLY D 243 -14.42 13.28 20.66
N GLN D 244 -13.20 12.89 20.34
CA GLN D 244 -12.67 11.61 20.85
C GLN D 244 -12.42 11.72 22.35
N VAL D 245 -12.79 10.70 23.07
CA VAL D 245 -12.66 10.69 24.55
C VAL D 245 -11.76 9.56 25.00
N VAL D 246 -10.78 9.91 25.81
CA VAL D 246 -9.93 8.87 26.45
C VAL D 246 -10.26 8.84 27.95
N ALA D 247 -10.87 7.76 28.39
CA ALA D 247 -11.16 7.61 29.82
C ALA D 247 -10.04 6.86 30.51
N PHE D 248 -9.84 7.21 31.78
CA PHE D 248 -8.80 6.57 32.59
C PHE D 248 -9.35 6.22 33.97
N ALA D 249 -8.68 5.28 34.62
CA ALA D 249 -8.91 4.99 36.03
C ALA D 249 -7.58 4.59 36.65
N LEU D 250 -7.10 5.40 37.57
CA LEU D 250 -6.03 4.98 38.47
C LEU D 250 -6.66 4.28 39.66
N ASN D 251 -6.11 3.13 40.04
CA ASN D 251 -6.55 2.42 41.22
C ASN D 251 -5.30 1.84 41.89
N MET D 252 -5.08 2.21 43.15
CA MET D 252 -3.88 1.81 43.85
C MET D 252 -4.17 1.67 45.33
N GLN D 253 -3.35 0.85 45.99
CA GLN D 253 -3.43 0.71 47.43
C GLN D 253 -2.97 1.99 48.10
N MET D 254 -3.69 2.40 49.13
CA MET D 254 -3.32 3.53 49.97
C MET D 254 -2.91 3.04 51.35
N LYS D 255 -2.08 3.82 52.01
CA LYS D 255 -1.65 3.56 53.37
C LYS D 255 -1.86 4.84 54.17
N ALA D 256 -2.00 4.70 55.49
CA ALA D 256 -2.14 5.88 56.32
C ALA D 256 -0.93 6.80 56.12
N GLY D 257 -1.21 8.10 56.02
CA GLY D 257 -0.16 9.07 55.83
C GLY D 257 0.36 9.21 54.41
N ASP D 258 -0.21 8.51 53.45
CA ASP D 258 0.24 8.67 52.06
C ASP D 258 -0.06 10.08 51.58
N ASP D 259 0.63 10.48 50.53
CA ASP D 259 0.50 11.82 49.97
C ASP D 259 -0.83 11.95 49.23
N ILE D 260 -1.72 12.81 49.74
CA ILE D 260 -3.06 12.94 49.16
C ILE D 260 -2.99 13.42 47.72
N ALA D 261 -1.89 14.01 47.30
CA ALA D 261 -1.76 14.58 45.96
C ALA D 261 -1.13 13.62 44.96
N LEU D 262 -0.78 12.40 45.37
CA LEU D 262 -0.05 11.51 44.48
C LEU D 262 -0.94 10.98 43.36
N ARG D 263 -2.18 10.64 43.67
CA ARG D 263 -3.06 10.06 42.66
C ARG D 263 -3.20 10.98 41.45
N LYS D 264 -3.57 12.24 41.69
CA LYS D 264 -3.72 13.20 40.60
C LYS D 264 -2.38 13.46 39.92
N GLN D 265 -1.30 13.59 40.69
CA GLN D 265 0.02 13.83 40.12
C GLN D 265 0.43 12.69 39.20
N LEU D 266 0.31 11.45 39.68
CA LEU D 266 0.67 10.29 38.86
C LEU D 266 -0.19 10.22 37.60
N SER D 267 -1.51 10.42 37.74
CA SER D 267 -2.41 10.33 36.59
C SER D 267 -2.07 11.38 35.55
N LEU D 268 -1.84 12.62 35.99
CA LEU D 268 -1.44 13.67 35.06
C LEU D 268 -0.15 13.29 34.35
N ASP D 269 0.80 12.72 35.09
CA ASP D 269 2.06 12.31 34.47
C ASP D 269 1.84 11.25 33.40
N VAL D 270 0.94 10.30 33.66
CA VAL D 270 0.72 9.21 32.71
C VAL D 270 0.09 9.75 31.45
N LEU D 271 -0.99 10.52 31.60
CA LEU D 271 -1.67 11.13 30.44
C LEU D 271 -0.70 11.96 29.60
N ASP D 272 0.27 12.61 30.24
CA ASP D 272 1.26 13.39 29.50
C ASP D 272 2.22 12.49 28.74
N LYS D 273 2.64 11.38 29.35
CA LYS D 273 3.45 10.40 28.64
C LYS D 273 2.70 9.80 27.45
N LEU D 274 1.41 9.53 27.63
CA LEU D 274 0.60 8.94 26.56
C LEU D 274 0.30 9.92 25.43
N GLY D 275 0.59 11.20 25.61
CA GLY D 275 0.15 12.17 24.63
C GLY D 275 -1.33 12.44 24.65
N VAL D 276 -2.03 12.03 25.71
CA VAL D 276 -3.46 12.30 25.83
C VAL D 276 -3.70 13.70 26.38
N PHE D 277 -2.92 14.10 27.37
CA PHE D 277 -3.08 15.39 28.06
C PHE D 277 -1.67 15.94 28.28
N HIS D 278 -1.16 16.66 27.28
CA HIS D 278 0.19 17.19 27.36
C HIS D 278 0.27 18.29 28.40
N TYR D 279 1.35 18.27 29.19
CA TYR D 279 1.64 19.39 30.07
C TYR D 279 1.96 20.64 29.26
N LEU D 280 1.61 21.79 29.82
CA LEU D 280 2.04 23.05 29.24
C LEU D 280 3.49 23.35 29.65
C1 Y33 E . -19.04 -0.54 -7.27
C2 Y33 E . -20.31 -1.07 -6.68
C3 Y33 E . -20.69 -0.29 -5.67
N4 Y33 E . -19.83 0.68 -5.44
C5 Y33 E . -18.76 0.72 -6.41
C6 Y33 E . -17.52 0.60 -5.51
C7 Y33 E . -17.61 1.67 -4.45
C26 Y33 E . -18.89 2.03 -7.18
C31 Y33 E . -21.88 -0.39 -4.87
C61 Y33 E . -16.11 0.65 -6.11
C62 Y33 E . -15.95 0.41 -7.61
O31 Y33 E . -21.86 0.25 -3.79
O32 Y33 E . -22.85 -1.08 -5.26
O62 Y33 E . -15.53 1.89 -5.72
O7 Y33 E . -17.43 1.38 -3.28
C1A Y33 E . -20.01 -3.60 -7.98
C2A Y33 E . -19.80 -3.35 -9.48
C4A Y33 E . -20.55 -5.02 -7.92
C5A Y33 E . -19.89 -5.67 -9.13
C6A Y33 E . -20.36 -7.09 -9.40
C8A Y33 E . -19.24 -9.10 -10.26
C9A Y33 E . -19.74 -7.25 -11.80
N3A Y33 E . -20.11 -4.62 -10.18
N7A Y33 E . -19.81 -7.76 -10.44
O6A Y33 E . -21.17 -7.64 -8.66
S21 Y33 E . -21.11 -2.42 -7.25
C CO2 F . -14.58 5.93 -5.46
O1 CO2 F . -14.83 4.91 -4.97
O2 CO2 F . -14.33 6.94 -5.94
C ACT G . 15.98 -11.66 -17.43
O ACT G . 14.90 -11.81 -16.77
OXT ACT G . 17.05 -12.34 -17.32
CH3 ACT G . 15.98 -10.52 -18.50
C1 Y33 H . -5.94 -15.39 -39.33
C2 Y33 H . -5.00 -15.46 -40.50
C3 Y33 H . -3.77 -15.19 -40.08
N4 Y33 H . -3.73 -14.90 -38.78
C5 Y33 H . -5.01 -15.14 -38.14
C6 Y33 H . -5.42 -13.85 -37.40
C7 Y33 H . -4.25 -13.36 -36.57
C26 Y33 H . -4.79 -16.38 -37.26
C31 Y33 H . -2.58 -15.16 -40.89
C61 Y33 H . -6.71 -13.78 -36.55
C62 Y33 H . -7.78 -14.87 -36.72
O31 Y33 H . -1.59 -14.56 -40.42
O32 Y33 H . -2.57 -15.71 -42.01
O62 Y33 H . -6.37 -13.63 -35.16
O7 Y33 H . -3.61 -12.41 -37.02
C1A Y33 H . -6.69 -17.17 -41.89
C2A Y33 H . -6.10 -18.36 -41.13
C4A Y33 H . -7.16 -17.73 -43.23
C5A Y33 H . -7.06 -19.25 -43.11
C6A Y33 H . -6.74 -19.87 -44.45
C8A Y33 H . -5.98 -22.13 -43.79
C9A Y33 H . -4.65 -20.77 -45.34
N3A Y33 H . -6.02 -19.49 -42.09
N7A Y33 H . -5.84 -20.86 -44.51
O6A Y33 H . -7.34 -19.47 -45.44
S21 Y33 H . -5.50 -15.87 -42.07
C1 Y33 I . 37.47 5.72 -4.29
C2 Y33 I . 36.45 5.56 -3.20
C3 Y33 I . 35.76 4.43 -3.38
N4 Y33 I . 36.20 3.77 -4.45
C5 Y33 I . 37.36 4.40 -5.04
C6 Y33 I . 37.05 4.64 -6.51
C7 Y33 I . 36.55 3.32 -7.08
C26 Y33 I . 38.55 3.47 -4.77
C31 Y33 I . 34.67 3.91 -2.58
C61 Y33 I . 38.13 5.23 -7.45
C62 Y33 I . 39.37 5.93 -6.90
O31 Y33 I . 33.93 3.07 -3.14
O32 Y33 I . 34.49 4.30 -1.41
O62 Y33 I . 38.58 4.20 -8.30
O7 Y33 I . 35.53 3.35 -7.76
C1A Y33 I . 37.92 7.36 -1.70
C2A Y33 I . 38.89 6.27 -1.25
C4A Y33 I . 37.88 8.40 -0.58
C5A Y33 I . 39.02 8.06 0.37
C6A Y33 I . 38.57 8.06 1.80
C8A Y33 I . 39.19 6.30 3.40
C9A Y33 I . 37.21 6.04 1.97
N3A Y33 I . 39.56 6.73 -0.01
N7A Y33 I . 38.33 6.87 2.36
O6A Y33 I . 38.44 9.10 2.42
S21 Y33 I . 36.30 6.70 -2.01
C CO2 J . 40.28 0.26 -10.17
O1 CO2 J . 39.41 0.79 -9.62
O2 CO2 J . 41.13 -0.28 -10.71
C1 Y33 K . -11.64 11.42 51.69
C2 Y33 K . -10.41 11.77 50.90
C3 Y33 K . -10.64 11.66 49.59
N4 Y33 K . -11.90 11.31 49.39
C5 Y33 K . -12.65 11.06 50.60
C6 Y33 K . -13.02 9.57 50.52
C7 Y33 K . -13.68 9.37 49.17
C26 Y33 K . -13.86 11.99 50.69
C31 Y33 K . -9.67 11.85 48.50
C61 Y33 K . -13.93 8.90 51.57
C62 Y33 K . -13.46 8.94 53.03
O31 Y33 K . -9.92 11.34 47.38
O32 Y33 K . -8.62 12.49 48.68
O62 Y33 K . -15.29 9.36 51.44
O7 Y33 K . -13.30 8.45 48.47
C1A Y33 K . -9.40 13.17 53.08
C2A Y33 K . -10.00 14.49 52.62
C4A Y33 K . -8.16 13.53 53.89
C5A Y33 K . -8.25 15.04 54.08
C6A Y33 K . -6.91 15.71 54.22
C8A Y33 K . -7.46 18.03 54.82
C9A Y33 K . -6.21 17.55 52.76
N3A Y33 K . -8.97 15.52 52.88
N7A Y33 K . -6.87 17.02 53.95
O6A Y33 K . -5.94 15.07 54.59
S21 Y33 K . -8.98 12.23 51.65
#